data_6BJ5
#
_entry.id   6BJ5
#
_cell.length_a   99.012
_cell.length_b   122.066
_cell.length_c   130.095
_cell.angle_alpha   90.00
_cell.angle_beta   94.88
_cell.angle_gamma   90.00
#
_symmetry.space_group_name_H-M   'C 1 2 1'
#
loop_
_entity.id
_entity.type
_entity.pdbx_description
1 polymer 'Serine proteinase inhibitor 1'
2 polymer 'Serine proteinase inhibitor 1'
3 branched 2-acetamido-2-deoxy-beta-D-glucopyranose-(1-4)-2-acetamido-2-deoxy-beta-D-glucopyranose
4 non-polymer 2-acetamido-2-deoxy-beta-D-glucopyranose
5 non-polymer 2,5,8,11,14,17-HEXAOXANONADECAN-19-OL
6 water water
#
loop_
_entity_poly.entity_id
_entity_poly.type
_entity_poly.pdbx_seq_one_letter_code
_entity_poly.pdbx_strand_id
1 'polypeptide(L)'
;MKYLVLVLCLTSCACRDIGLWTFRYVYNESDNVVFSPYGLTSALSVLRIAAGGNTKREIDVPESVVEDSDAFLALRELFV
DASVPLRPEFTAEFSSRFNTSVQRVTFNSENVKDVINSYVKDKTGGDVPRVLDASLDRDTKMLLLSSVRMKTSWRHVFDP
SFTTDQPFYSGNVTYKVRMMNKIDTLKTETFTLRNVGYSVTELPYKRRQTAMLLVVPDDLGEIVRALDLSLVRFWIRNMR
KDVCQVVMPKFSVESVLDLRDALQRLGVRDAFDPSRADFGQASPSNDLYVTKVLQTSKIEADERGTTASSDTAIT
;
B,A,C
2 'polypeptide(L)' LIPRNALTAIVANKPFMFLIYHKPTTTVLFMGTITKGEKVIYDTEGRDDVVSSV F,G,H
#
loop_
_chem_comp.id
_chem_comp.type
_chem_comp.name
_chem_comp.formula
NAG D-saccharide, beta linking 2-acetamido-2-deoxy-beta-D-glucopyranose 'C8 H15 N O6'
P15 non-polymer 2,5,8,11,14,17-HEXAOXANONADECAN-19-OL 'C13 H28 O7'
#
# COMPACT_ATOMS: atom_id res chain seq x y z
N ASP A 17 3.36 6.84 -7.38
CA ASP A 17 4.66 6.84 -6.71
C ASP A 17 5.76 6.94 -7.78
N ILE A 18 6.38 5.82 -8.21
CA ILE A 18 7.42 5.92 -9.25
C ILE A 18 6.87 6.65 -10.47
N GLY A 19 5.66 6.26 -10.89
CA GLY A 19 5.06 6.90 -12.05
C GLY A 19 4.97 8.41 -11.88
N LEU A 20 4.50 8.84 -10.71
CA LEU A 20 4.30 10.26 -10.47
C LEU A 20 5.61 10.98 -10.18
N TRP A 21 6.54 10.29 -9.54
CA TRP A 21 7.83 10.88 -9.24
C TRP A 21 8.69 10.98 -10.49
N THR A 22 8.34 10.29 -11.57
CA THR A 22 9.13 10.39 -12.78
C THR A 22 9.00 11.77 -13.42
N PHE A 23 7.85 12.45 -13.21
CA PHE A 23 7.62 13.70 -13.93
C PHE A 23 8.68 14.73 -13.59
N ARG A 24 9.19 14.74 -12.35
CA ARG A 24 10.24 15.70 -12.00
C ARG A 24 11.52 15.58 -12.82
N TYR A 25 11.77 14.47 -13.50
CA TYR A 25 12.99 14.33 -14.28
C TYR A 25 12.77 14.59 -15.76
N VAL A 26 11.53 14.72 -16.19
CA VAL A 26 11.23 15.12 -17.55
C VAL A 26 10.65 16.52 -17.63
N TYR A 27 10.28 17.11 -16.49
CA TYR A 27 9.77 18.47 -16.48
C TYR A 27 10.76 19.40 -17.16
N ASN A 28 10.21 20.33 -17.92
CA ASN A 28 11.01 21.26 -18.64
C ASN A 28 10.59 22.70 -18.41
N GLU A 29 11.55 23.46 -17.94
CA GLU A 29 11.38 24.89 -17.72
C GLU A 29 11.12 25.67 -19.01
N SER A 30 11.67 25.20 -20.13
CA SER A 30 11.67 25.95 -21.37
C SER A 30 10.76 25.32 -22.41
N ASP A 31 9.91 24.38 -22.02
CA ASP A 31 9.11 23.66 -22.99
C ASP A 31 7.79 23.21 -22.36
N ASN A 32 6.93 22.67 -23.19
CA ASN A 32 5.68 22.07 -22.74
C ASN A 32 5.87 20.56 -22.71
N VAL A 33 5.62 19.95 -21.57
CA VAL A 33 5.82 18.52 -21.41
C VAL A 33 4.52 17.90 -20.92
N VAL A 34 4.13 16.79 -21.53
CA VAL A 34 2.99 15.99 -21.11
C VAL A 34 3.47 14.57 -20.82
N PHE A 35 2.79 13.91 -19.89
CA PHE A 35 3.32 12.68 -19.34
C PHE A 35 2.15 11.82 -18.85
N SER A 36 2.34 10.51 -18.83
CA SER A 36 1.33 9.65 -18.25
C SER A 36 1.96 8.83 -17.15
N PRO A 37 1.82 9.23 -15.88
CA PRO A 37 2.23 8.35 -14.78
C PRO A 37 1.51 7.00 -14.78
N TYR A 38 0.21 6.95 -15.10
CA TYR A 38 -0.48 5.67 -15.15
C TYR A 38 0.11 4.77 -16.22
N GLY A 39 0.38 5.32 -17.40
CA GLY A 39 0.95 4.52 -18.47
C GLY A 39 2.31 3.94 -18.12
N LEU A 40 3.14 4.70 -17.41
CA LEU A 40 4.42 4.18 -16.95
C LEU A 40 4.23 3.06 -15.95
N THR A 41 3.42 3.33 -14.92
CA THR A 41 3.13 2.39 -13.85
C THR A 41 2.55 1.10 -14.38
N SER A 42 1.63 1.19 -15.35
CA SER A 42 1.05 -0.03 -15.91
C SER A 42 2.09 -0.89 -16.63
N ALA A 43 2.99 -0.24 -17.37
CA ALA A 43 4.06 -0.96 -18.07
C ALA A 43 4.98 -1.67 -17.08
N LEU A 44 5.45 -0.94 -16.06
CA LEU A 44 6.32 -1.51 -15.05
C LEU A 44 5.64 -2.66 -14.32
N SER A 45 4.33 -2.56 -14.13
CA SER A 45 3.59 -3.62 -13.43
C SER A 45 3.60 -4.92 -14.23
N VAL A 46 3.47 -4.84 -15.55
CA VAL A 46 3.62 -6.00 -16.41
C VAL A 46 5.06 -6.51 -16.36
N LEU A 47 6.03 -5.61 -16.53
CA LEU A 47 7.46 -5.98 -16.49
C LEU A 47 7.80 -6.74 -15.24
N ARG A 48 7.01 -6.55 -14.20
CA ARG A 48 7.28 -7.12 -12.89
C ARG A 48 6.91 -8.60 -12.86
N ILE A 49 5.91 -9.01 -13.64
CA ILE A 49 5.52 -10.41 -13.73
C ILE A 49 6.65 -11.23 -14.32
N ALA A 50 7.58 -10.60 -15.04
CA ALA A 50 8.71 -11.31 -15.62
C ALA A 50 9.95 -11.29 -14.74
N ALA A 51 10.01 -10.42 -13.74
CA ALA A 51 11.23 -10.23 -12.97
C ALA A 51 11.29 -11.13 -11.74
N GLY A 52 12.49 -11.29 -11.20
CA GLY A 52 12.66 -11.99 -9.95
C GLY A 52 13.76 -11.35 -9.12
N GLY A 53 13.78 -11.71 -7.84
CA GLY A 53 14.89 -11.30 -7.00
C GLY A 53 14.97 -9.80 -6.77
N ASN A 54 16.18 -9.27 -6.89
CA ASN A 54 16.37 -7.83 -6.69
C ASN A 54 15.76 -7.01 -7.82
N THR A 55 15.85 -7.49 -9.05
CA THR A 55 15.30 -6.72 -10.17
C THR A 55 13.82 -6.43 -9.94
N LYS A 56 13.07 -7.45 -9.52
CA LYS A 56 11.65 -7.28 -9.26
C LYS A 56 11.42 -6.32 -8.08
N ARG A 57 12.19 -6.50 -7.01
CA ARG A 57 12.01 -5.66 -5.84
C ARG A 57 12.17 -4.19 -6.18
N GLU A 58 13.13 -3.85 -7.07
CA GLU A 58 13.35 -2.45 -7.43
C GLU A 58 12.24 -1.92 -8.31
N ILE A 59 11.48 -2.78 -8.96
CA ILE A 59 10.31 -2.36 -9.71
C ILE A 59 9.17 -2.25 -8.72
N ASP A 60 9.26 -1.21 -7.88
CA ASP A 60 8.32 -0.99 -6.78
C ASP A 60 7.04 -0.35 -7.33
N VAL A 61 6.02 -1.15 -7.54
CA VAL A 61 4.83 -0.75 -8.30
C VAL A 61 3.63 -1.56 -7.81
N PRO A 62 2.42 -1.00 -7.81
CA PRO A 62 1.21 -1.82 -7.49
C PRO A 62 1.13 -3.06 -8.38
N GLU A 63 0.86 -4.22 -7.79
CA GLU A 63 0.71 -5.40 -8.63
C GLU A 63 -0.56 -5.38 -9.45
N SER A 64 -1.57 -4.63 -9.03
CA SER A 64 -2.81 -4.48 -9.77
C SER A 64 -2.99 -2.99 -10.00
N VAL A 65 -3.14 -2.59 -11.25
CA VAL A 65 -3.47 -1.19 -11.53
C VAL A 65 -4.96 -1.06 -11.73
N VAL A 66 -5.49 0.07 -11.29
CA VAL A 66 -6.90 0.35 -11.49
C VAL A 66 -7.19 0.30 -12.98
N GLU A 67 -8.41 -0.13 -13.31
CA GLU A 67 -8.90 -0.04 -14.68
C GLU A 67 -10.37 0.32 -14.61
N ASP A 68 -10.80 1.14 -15.56
CA ASP A 68 -12.19 1.55 -15.67
C ASP A 68 -12.39 1.85 -17.16
N SER A 69 -13.29 1.12 -17.80
CA SER A 69 -13.39 1.18 -19.25
C SER A 69 -14.18 2.37 -19.80
N ASP A 70 -15.06 3.01 -19.01
CA ASP A 70 -15.74 4.21 -19.52
C ASP A 70 -14.84 5.43 -19.41
N ALA A 71 -14.06 5.51 -18.34
CA ALA A 71 -13.26 6.69 -18.04
C ALA A 71 -12.02 6.78 -18.92
N PHE A 72 -11.41 5.65 -19.26
CA PHE A 72 -10.21 5.62 -20.10
C PHE A 72 -9.97 4.21 -20.59
N LEU A 73 -9.53 4.09 -21.84
CA LEU A 73 -9.13 2.80 -22.37
C LEU A 73 -7.64 2.61 -22.13
N ALA A 74 -7.28 1.43 -21.64
CA ALA A 74 -5.92 1.07 -21.30
C ALA A 74 -5.62 -0.27 -21.94
N LEU A 75 -4.37 -0.46 -22.38
CA LEU A 75 -4.02 -1.66 -23.11
C LEU A 75 -2.60 -2.11 -22.75
N ARG A 76 -2.40 -3.43 -22.70
CA ARG A 76 -1.11 -3.99 -22.32
C ARG A 76 -0.81 -5.22 -23.17
N GLU A 77 0.32 -5.16 -23.88
CA GLU A 77 0.75 -6.23 -24.78
C GLU A 77 2.23 -6.42 -24.56
N LEU A 78 2.70 -7.65 -24.78
CA LEU A 78 4.10 -7.99 -24.74
C LEU A 78 4.46 -8.72 -26.05
N PHE A 79 5.52 -8.26 -26.70
CA PHE A 79 5.96 -8.84 -27.97
C PHE A 79 7.34 -9.44 -27.72
N VAL A 80 7.41 -10.77 -27.66
CA VAL A 80 8.69 -11.43 -27.43
C VAL A 80 9.10 -12.10 -28.74
N ASP A 81 10.39 -11.97 -29.04
CA ASP A 81 10.90 -12.57 -30.26
C ASP A 81 10.72 -14.08 -30.25
N ALA A 82 10.42 -14.66 -31.41
CA ALA A 82 10.15 -16.09 -31.51
C ALA A 82 11.35 -16.97 -31.20
N SER A 83 12.58 -16.42 -31.21
CA SER A 83 13.73 -17.21 -30.77
C SER A 83 13.72 -17.46 -29.26
N VAL A 84 13.10 -16.57 -28.47
CA VAL A 84 13.26 -16.54 -27.02
C VAL A 84 12.42 -17.61 -26.32
N PRO A 85 13.03 -18.56 -25.64
CA PRO A 85 12.25 -19.51 -24.85
C PRO A 85 11.61 -18.80 -23.66
N LEU A 86 10.32 -19.03 -23.49
CA LEU A 86 9.56 -18.52 -22.37
C LEU A 86 9.09 -19.71 -21.54
N ARG A 87 9.32 -19.66 -20.23
CA ARG A 87 8.68 -20.60 -19.33
C ARG A 87 7.18 -20.61 -19.60
N PRO A 88 6.58 -21.76 -19.83
CA PRO A 88 5.12 -21.79 -20.06
C PRO A 88 4.31 -21.18 -18.93
N GLU A 89 4.81 -21.23 -17.68
CA GLU A 89 4.07 -20.65 -16.57
C GLU A 89 4.07 -19.13 -16.62
N PHE A 90 5.01 -18.53 -17.34
CA PHE A 90 4.98 -17.08 -17.49
C PHE A 90 3.88 -16.68 -18.45
N THR A 91 3.80 -17.36 -19.60
CA THR A 91 2.78 -17.01 -20.57
C THR A 91 1.40 -17.37 -20.06
N ALA A 92 1.30 -18.42 -19.23
CA ALA A 92 0.03 -18.71 -18.58
C ALA A 92 -0.33 -17.60 -17.60
N GLU A 93 0.62 -17.27 -16.69
CA GLU A 93 0.42 -16.18 -15.74
C GLU A 93 0.14 -14.88 -16.48
N PHE A 94 0.90 -14.61 -17.54
CA PHE A 94 0.66 -13.39 -18.30
C PHE A 94 -0.73 -13.37 -18.90
N SER A 95 -1.13 -14.47 -19.52
CA SER A 95 -2.41 -14.48 -20.23
C SER A 95 -3.58 -14.36 -19.27
N SER A 96 -3.48 -15.00 -18.09
CA SER A 96 -4.56 -15.02 -17.10
C SER A 96 -4.74 -13.67 -16.42
N ARG A 97 -3.69 -12.88 -16.35
CA ARG A 97 -3.74 -11.63 -15.60
C ARG A 97 -4.04 -10.42 -16.47
N PHE A 98 -3.72 -10.45 -17.76
CA PHE A 98 -3.93 -9.29 -18.61
C PHE A 98 -4.83 -9.60 -19.79
N ASN A 99 -5.54 -10.74 -19.75
CA ASN A 99 -6.52 -11.11 -20.77
C ASN A 99 -5.93 -10.95 -22.17
N THR A 100 -4.67 -11.36 -22.33
CA THR A 100 -4.00 -11.24 -23.61
C THR A 100 -2.79 -12.16 -23.60
N SER A 101 -2.41 -12.62 -24.79
CA SER A 101 -1.33 -13.59 -24.92
C SER A 101 -0.08 -12.93 -25.47
N VAL A 102 1.07 -13.40 -24.99
CA VAL A 102 2.33 -12.94 -25.52
C VAL A 102 2.34 -13.16 -27.03
N GLN A 103 2.78 -12.15 -27.76
CA GLN A 103 2.78 -12.19 -29.22
C GLN A 103 4.21 -12.49 -29.68
N ARG A 104 4.40 -13.66 -30.27
CA ARG A 104 5.73 -14.01 -30.78
C ARG A 104 5.91 -13.27 -32.10
N VAL A 105 7.11 -12.72 -32.30
CA VAL A 105 7.37 -11.72 -33.32
C VAL A 105 8.82 -11.92 -33.73
N THR A 106 9.19 -11.42 -34.92
CA THR A 106 10.59 -11.47 -35.35
C THR A 106 11.15 -10.06 -35.39
N PHE A 107 11.99 -9.72 -34.43
CA PHE A 107 12.43 -8.34 -34.37
C PHE A 107 13.51 -7.94 -35.37
N ASN A 108 13.81 -8.75 -36.39
CA ASN A 108 14.75 -8.31 -37.42
C ASN A 108 14.06 -8.00 -38.74
N SER A 109 13.00 -8.75 -39.09
CA SER A 109 12.32 -8.55 -40.36
C SER A 109 11.81 -7.12 -40.53
N GLU A 110 11.27 -6.83 -41.71
CA GLU A 110 10.89 -5.46 -42.05
C GLU A 110 9.46 -5.11 -41.68
N ASN A 111 8.54 -6.06 -41.74
CA ASN A 111 7.16 -5.80 -41.37
C ASN A 111 6.88 -6.03 -39.90
N VAL A 112 7.91 -6.17 -39.05
CA VAL A 112 7.67 -6.33 -37.61
C VAL A 112 6.87 -5.15 -37.10
N LYS A 113 7.26 -3.93 -37.47
CA LYS A 113 6.46 -2.75 -37.21
C LYS A 113 5.05 -2.90 -37.74
N ASP A 114 4.92 -3.41 -38.97
CA ASP A 114 3.60 -3.58 -39.56
C ASP A 114 2.78 -4.57 -38.75
N VAL A 115 3.38 -5.71 -38.38
CA VAL A 115 2.69 -6.68 -37.54
C VAL A 115 2.21 -6.02 -36.26
N ILE A 116 3.05 -5.19 -35.65
CA ILE A 116 2.73 -4.70 -34.32
C ILE A 116 1.72 -3.56 -34.36
N ASN A 117 1.89 -2.64 -35.30
CA ASN A 117 0.85 -1.63 -35.50
C ASN A 117 -0.46 -2.25 -35.97
N SER A 118 -0.39 -3.16 -36.95
CA SER A 118 -1.58 -3.88 -37.38
C SER A 118 -2.21 -4.69 -36.26
N TYR A 119 -1.48 -4.97 -35.19
CA TYR A 119 -2.03 -5.69 -34.05
C TYR A 119 -2.74 -4.77 -33.06
N VAL A 120 -2.20 -3.56 -32.82
CA VAL A 120 -2.77 -2.71 -31.77
C VAL A 120 -4.11 -2.15 -32.20
N LYS A 121 -4.25 -1.77 -33.46
CA LYS A 121 -5.56 -1.45 -34.04
C LYS A 121 -5.84 -2.49 -35.13
N ASP A 122 -6.93 -3.28 -35.06
CA ASP A 122 -7.98 -3.26 -34.04
C ASP A 122 -7.47 -3.50 -32.64
N LYS A 123 -8.28 -3.15 -31.64
CA LYS A 123 -8.01 -3.38 -30.21
C LYS A 123 -7.25 -2.18 -29.60
N VAL A 128 -3.15 2.71 -33.67
CA VAL A 128 -1.86 2.60 -34.37
C VAL A 128 -0.91 3.73 -33.97
N PRO A 129 0.02 3.40 -33.07
CA PRO A 129 1.05 4.37 -32.65
C PRO A 129 2.40 4.10 -33.29
N ARG A 130 2.57 4.43 -34.58
CA ARG A 130 3.79 4.01 -35.26
C ARG A 130 5.01 4.85 -34.87
N VAL A 131 4.83 5.87 -34.01
CA VAL A 131 5.92 6.70 -33.50
C VAL A 131 6.73 5.86 -32.50
N LEU A 132 7.04 4.62 -32.89
CA LEU A 132 7.78 3.69 -32.06
C LEU A 132 9.01 3.15 -32.80
N ASP A 133 9.43 3.78 -33.89
CA ASP A 133 10.70 3.40 -34.48
C ASP A 133 11.87 3.92 -33.67
N ALA A 134 11.64 4.96 -32.88
CA ALA A 134 12.58 5.36 -31.85
C ALA A 134 13.01 4.19 -30.98
N SER A 135 12.14 3.18 -30.79
CA SER A 135 12.33 2.18 -29.77
C SER A 135 12.65 0.77 -30.27
N LEU A 136 12.56 0.50 -31.56
CA LEU A 136 12.86 -0.84 -32.08
C LEU A 136 14.23 -0.84 -32.74
N ASP A 137 15.16 -1.48 -32.09
CA ASP A 137 16.49 -1.78 -32.58
C ASP A 137 16.39 -3.10 -33.38
N ARG A 138 17.50 -3.67 -33.83
CA ARG A 138 17.46 -4.99 -34.45
C ARG A 138 17.87 -6.12 -33.51
N ASP A 139 18.37 -5.75 -32.34
CA ASP A 139 18.70 -6.73 -31.32
C ASP A 139 17.60 -6.73 -30.26
N THR A 140 16.47 -6.08 -30.55
CA THR A 140 15.41 -5.98 -29.57
C THR A 140 14.74 -7.35 -29.43
N LYS A 141 14.78 -7.95 -28.22
CA LYS A 141 14.14 -9.26 -28.05
C LYS A 141 12.80 -9.22 -27.33
N MET A 142 12.36 -8.09 -26.78
CA MET A 142 11.06 -8.00 -26.17
C MET A 142 10.51 -6.59 -26.33
N LEU A 143 9.19 -6.43 -26.48
CA LEU A 143 8.62 -5.10 -26.43
C LEU A 143 7.44 -5.16 -25.48
N LEU A 144 7.51 -4.38 -24.40
CA LEU A 144 6.41 -4.30 -23.45
C LEU A 144 5.73 -2.98 -23.72
N LEU A 145 4.44 -3.02 -24.03
CA LEU A 145 3.77 -1.83 -24.50
C LEU A 145 2.51 -1.57 -23.68
N SER A 146 2.41 -0.33 -23.15
CA SER A 146 1.28 0.16 -22.36
C SER A 146 0.67 1.37 -23.06
N SER A 147 -0.61 1.28 -23.39
CA SER A 147 -1.33 2.34 -24.09
C SER A 147 -2.45 2.88 -23.21
N VAL A 148 -2.57 4.21 -23.13
CA VAL A 148 -3.62 4.86 -22.36
C VAL A 148 -4.32 5.84 -23.26
N ARG A 149 -5.66 5.83 -23.25
CA ARG A 149 -6.43 6.75 -24.08
C ARG A 149 -7.59 7.34 -23.28
N MET A 150 -7.82 8.63 -23.48
CA MET A 150 -8.98 9.27 -22.87
C MET A 150 -9.47 10.34 -23.83
N LYS A 151 -10.77 10.33 -24.10
CA LYS A 151 -11.40 11.41 -24.85
C LYS A 151 -12.77 11.67 -24.21
N THR A 152 -12.93 12.85 -23.61
CA THR A 152 -14.10 13.17 -22.79
C THR A 152 -14.39 14.67 -22.82
N SER A 153 -15.68 15.02 -22.83
CA SER A 153 -16.07 16.42 -22.77
C SER A 153 -15.98 16.94 -21.35
N TRP A 154 -15.96 18.28 -21.23
CA TRP A 154 -16.11 18.89 -19.92
C TRP A 154 -17.53 18.65 -19.39
N ARG A 155 -17.68 18.72 -18.07
CA ARG A 155 -19.04 18.74 -17.53
C ARG A 155 -19.77 20.01 -17.98
N HIS A 156 -19.10 21.16 -17.88
CA HIS A 156 -19.60 22.44 -18.40
C HIS A 156 -18.58 22.97 -19.40
N VAL A 157 -18.93 22.87 -20.69
CA VAL A 157 -18.00 23.25 -21.75
C VAL A 157 -17.81 24.77 -21.76
N PHE A 158 -16.71 25.20 -22.38
CA PHE A 158 -16.51 26.61 -22.70
C PHE A 158 -17.22 26.95 -24.00
N ASP A 159 -17.51 28.23 -24.19
CA ASP A 159 -18.09 28.70 -25.43
C ASP A 159 -16.99 29.19 -26.35
N PRO A 160 -16.80 28.56 -27.50
CA PRO A 160 -15.70 28.99 -28.38
C PRO A 160 -15.79 30.44 -28.80
N SER A 161 -17.01 30.97 -28.96
CA SER A 161 -17.17 32.34 -29.44
C SER A 161 -16.65 33.39 -28.46
N PHE A 162 -16.42 33.03 -27.19
CA PHE A 162 -15.82 33.95 -26.23
C PHE A 162 -14.34 33.67 -26.01
N THR A 163 -13.78 32.72 -26.73
CA THR A 163 -12.34 32.49 -26.70
C THR A 163 -11.63 33.61 -27.47
N THR A 164 -10.60 34.19 -26.88
CA THR A 164 -9.94 35.33 -27.49
C THR A 164 -8.42 35.16 -27.42
N ASP A 165 -7.74 35.84 -28.34
CA ASP A 165 -6.29 35.93 -28.26
C ASP A 165 -5.90 36.75 -27.04
N GLN A 166 -5.03 36.20 -26.19
CA GLN A 166 -4.60 36.90 -24.99
C GLN A 166 -3.11 36.62 -24.77
N PRO A 167 -2.44 37.49 -24.02
CA PRO A 167 -1.01 37.25 -23.74
C PRO A 167 -0.76 36.16 -22.68
N PHE A 168 0.41 35.52 -22.80
CA PHE A 168 0.88 34.49 -21.88
C PHE A 168 2.32 34.84 -21.52
N TYR A 169 2.58 35.03 -20.23
CA TYR A 169 3.87 35.59 -19.78
C TYR A 169 4.78 34.47 -19.26
N SER A 170 5.79 34.13 -20.04
CA SER A 170 6.82 33.14 -19.70
C SER A 170 8.15 33.86 -19.41
N GLY A 171 8.37 34.18 -18.14
CA GLY A 171 9.56 34.94 -17.78
C GLY A 171 9.45 36.32 -18.41
N ASN A 172 10.34 36.62 -19.35
CA ASN A 172 10.26 37.90 -20.04
C ASN A 172 9.70 37.77 -21.45
N VAL A 173 9.64 36.55 -22.01
CA VAL A 173 9.01 36.33 -23.30
C VAL A 173 7.49 36.32 -23.11
N THR A 174 6.78 36.84 -24.10
CA THR A 174 5.32 36.87 -24.08
C THR A 174 4.77 36.23 -25.35
N TYR A 175 3.67 35.49 -25.20
CA TYR A 175 3.12 34.74 -26.33
C TYR A 175 1.67 35.13 -26.50
N LYS A 176 1.13 34.81 -27.67
CA LYS A 176 -0.27 35.05 -27.95
C LYS A 176 -0.91 33.69 -28.00
N VAL A 177 -1.81 33.43 -27.06
CA VAL A 177 -2.42 32.12 -27.01
C VAL A 177 -3.90 32.31 -27.20
N ARG A 178 -4.54 31.22 -27.58
CA ARG A 178 -5.96 31.11 -27.77
C ARG A 178 -6.56 30.83 -26.40
N MET A 179 -7.06 31.87 -25.74
CA MET A 179 -7.57 31.70 -24.39
C MET A 179 -9.06 31.55 -24.22
N MET A 180 -9.44 30.47 -23.54
CA MET A 180 -10.82 30.18 -23.22
C MET A 180 -11.24 30.93 -21.96
N ASN A 181 -12.55 31.12 -21.81
CA ASN A 181 -13.06 31.95 -20.72
C ASN A 181 -14.48 31.52 -20.38
N LYS A 182 -14.73 31.22 -19.11
CA LYS A 182 -16.08 30.85 -18.69
C LYS A 182 -16.28 31.17 -17.21
N ILE A 183 -17.56 31.21 -16.82
CA ILE A 183 -17.96 31.26 -15.41
C ILE A 183 -18.54 29.91 -15.05
N ASP A 184 -18.13 29.39 -13.90
CA ASP A 184 -18.53 28.05 -13.48
C ASP A 184 -18.26 27.97 -11.98
N THR A 185 -19.00 27.09 -11.31
CA THR A 185 -18.79 26.76 -9.90
C THR A 185 -18.07 25.43 -9.78
N LEU A 186 -16.90 25.49 -9.12
CA LEU A 186 -15.85 24.49 -9.12
C LEU A 186 -15.14 24.52 -7.77
N LYS A 187 -14.53 23.40 -7.40
CA LYS A 187 -13.70 23.40 -6.20
C LYS A 187 -12.38 24.13 -6.47
N THR A 188 -11.94 24.95 -5.52
CA THR A 188 -10.74 25.77 -5.66
C THR A 188 -10.18 26.06 -4.29
N GLU A 189 -8.94 26.55 -4.25
CA GLU A 189 -8.33 27.05 -3.02
C GLU A 189 -6.94 27.55 -3.37
N THR A 190 -6.41 28.41 -2.51
CA THR A 190 -5.03 28.89 -2.55
C THR A 190 -4.17 28.13 -1.52
N PHE A 191 -2.85 28.14 -1.75
CA PHE A 191 -1.90 27.34 -0.98
C PHE A 191 -0.54 28.04 -1.00
N THR A 192 0.41 27.57 -0.18
CA THR A 192 1.78 28.08 -0.24
C THR A 192 2.80 26.96 -0.04
N LEU A 193 4.02 27.21 -0.53
CA LEU A 193 5.17 26.29 -0.59
C LEU A 193 4.75 24.82 -0.52
N VAL A 196 4.75 28.17 -2.97
CA VAL A 196 5.18 29.55 -2.99
C VAL A 196 4.04 30.34 -3.58
N GLY A 197 2.84 30.03 -3.13
CA GLY A 197 1.63 30.67 -3.61
C GLY A 197 1.16 30.15 -4.95
N TYR A 198 -0.05 29.61 -4.96
CA TYR A 198 -0.65 28.98 -6.14
C TYR A 198 -2.10 28.65 -5.80
N SER A 199 -2.85 28.29 -6.83
CA SER A 199 -4.20 27.78 -6.67
C SER A 199 -4.32 26.43 -7.33
N VAL A 200 -5.37 25.71 -6.97
CA VAL A 200 -5.70 24.44 -7.61
C VAL A 200 -7.20 24.44 -7.84
N THR A 201 -7.61 24.04 -9.04
CA THR A 201 -9.01 24.13 -9.44
C THR A 201 -9.39 22.86 -10.17
N GLU A 202 -10.57 22.31 -9.87
CA GLU A 202 -10.99 21.03 -10.42
C GLU A 202 -12.01 21.25 -11.52
N LEU A 203 -11.62 20.91 -12.73
CA LEU A 203 -12.50 20.95 -13.89
C LEU A 203 -13.01 19.55 -14.15
N PRO A 204 -14.25 19.23 -13.79
CA PRO A 204 -14.74 17.87 -14.03
C PRO A 204 -15.12 17.61 -15.48
N TYR A 205 -14.87 16.37 -15.91
CA TYR A 205 -15.29 15.93 -17.24
C TYR A 205 -16.72 15.40 -17.14
N LYS A 206 -17.33 15.14 -18.30
CA LYS A 206 -18.75 14.84 -18.31
C LYS A 206 -19.04 13.49 -17.64
N ARG A 207 -18.06 12.60 -17.61
CA ARG A 207 -18.22 11.34 -16.87
C ARG A 207 -18.34 11.59 -15.37
N ARG A 208 -17.61 12.57 -14.86
CA ARG A 208 -17.42 12.97 -13.45
C ARG A 208 -16.61 11.95 -12.64
N GLN A 209 -16.04 10.88 -13.24
CA GLN A 209 -15.01 10.11 -12.55
C GLN A 209 -13.62 10.58 -12.87
N THR A 210 -13.46 11.23 -14.01
CA THR A 210 -12.19 11.84 -14.36
C THR A 210 -12.35 13.36 -14.29
N ALA A 211 -11.25 14.03 -13.97
CA ALA A 211 -11.30 15.49 -13.85
C ALA A 211 -9.91 16.07 -14.04
N MET A 212 -9.86 17.35 -14.35
CA MET A 212 -8.59 18.06 -14.50
C MET A 212 -8.37 18.96 -13.31
N LEU A 213 -7.24 18.77 -12.65
CA LEU A 213 -6.76 19.70 -11.65
C LEU A 213 -5.87 20.68 -12.38
N LEU A 214 -6.20 21.96 -12.26
CA LEU A 214 -5.42 23.03 -12.85
C LEU A 214 -4.72 23.75 -11.71
N VAL A 215 -3.40 23.81 -11.79
CA VAL A 215 -2.51 24.34 -10.77
C VAL A 215 -1.84 25.59 -11.35
N VAL A 216 -2.12 26.75 -10.79
CA VAL A 216 -1.57 28.01 -11.31
C VAL A 216 -0.65 28.60 -10.24
N PRO A 217 0.68 28.53 -10.39
CA PRO A 217 1.57 28.97 -9.31
C PRO A 217 2.36 30.22 -9.63
N ASP A 218 2.98 30.80 -8.61
CA ASP A 218 3.94 31.87 -8.84
C ASP A 218 5.31 31.34 -9.25
N ASP A 219 5.58 30.05 -8.98
CA ASP A 219 6.82 29.37 -9.36
C ASP A 219 6.47 27.93 -9.68
N LEU A 220 6.47 27.58 -10.96
CA LEU A 220 6.08 26.24 -11.36
C LEU A 220 7.11 25.21 -10.90
N GLY A 221 8.40 25.49 -11.13
CA GLY A 221 9.44 24.52 -10.78
C GLY A 221 9.40 24.10 -9.32
N GLU A 222 9.00 25.00 -8.44
CA GLU A 222 8.83 24.65 -7.04
C GLU A 222 7.68 23.67 -6.86
N ILE A 223 6.56 23.86 -7.58
CA ILE A 223 5.46 22.90 -7.52
C ILE A 223 5.92 21.54 -8.03
N VAL A 224 6.71 21.51 -9.08
CA VAL A 224 7.16 20.25 -9.65
C VAL A 224 7.98 19.48 -8.62
N ARG A 225 8.92 20.16 -7.96
CA ARG A 225 9.80 19.49 -7.01
C ARG A 225 9.06 19.01 -5.76
N ALA A 226 7.83 19.44 -5.53
CA ALA A 226 7.04 19.02 -4.37
C ALA A 226 5.91 18.05 -4.68
N LEU A 227 5.59 17.79 -5.95
CA LEU A 227 4.37 17.05 -6.29
C LEU A 227 4.47 15.60 -5.83
N ASP A 228 3.48 15.14 -5.09
CA ASP A 228 3.39 13.71 -4.81
C ASP A 228 1.96 13.41 -4.39
N LEU A 229 1.69 12.14 -4.14
CA LEU A 229 0.29 11.75 -3.96
C LEU A 229 -0.29 12.33 -2.68
N SER A 230 0.55 12.53 -1.65
CA SER A 230 0.07 13.21 -0.45
C SER A 230 -0.38 14.63 -0.80
N LEU A 231 0.47 15.36 -1.53
CA LEU A 231 0.12 16.71 -1.90
C LEU A 231 -1.17 16.74 -2.71
N VAL A 232 -1.35 15.77 -3.61
CA VAL A 232 -2.56 15.73 -4.43
C VAL A 232 -3.80 15.48 -3.58
N ARG A 233 -3.73 14.51 -2.66
CA ARG A 233 -4.90 14.26 -1.81
C ARG A 233 -5.16 15.45 -0.91
N PHE A 234 -4.10 16.12 -0.44
CA PHE A 234 -4.22 17.36 0.31
C PHE A 234 -5.01 18.39 -0.50
N TRP A 235 -4.60 18.62 -1.74
CA TRP A 235 -5.36 19.49 -2.65
C TRP A 235 -6.82 19.09 -2.67
N ILE A 236 -7.11 17.79 -2.85
CA ILE A 236 -8.50 17.41 -3.02
C ILE A 236 -9.30 17.65 -1.73
N ARG A 237 -8.66 17.49 -0.57
CA ARG A 237 -9.40 17.68 0.67
C ARG A 237 -9.65 19.16 0.94
N ASN A 238 -8.67 20.01 0.63
CA ASN A 238 -8.73 21.41 1.01
C ASN A 238 -9.28 22.35 -0.07
N MET A 239 -9.61 21.85 -1.26
CA MET A 239 -10.31 22.70 -2.22
C MET A 239 -11.76 22.80 -1.80
N ARG A 240 -12.32 24.00 -1.92
CA ARG A 240 -13.68 24.29 -1.50
C ARG A 240 -14.45 24.85 -2.67
N LYS A 241 -15.71 24.46 -2.80
CA LYS A 241 -16.53 24.98 -3.89
C LYS A 241 -16.66 26.50 -3.78
N ASP A 242 -17.00 27.14 -4.91
CA ASP A 242 -16.92 28.59 -5.12
C ASP A 242 -17.32 28.87 -6.57
N VAL A 243 -17.85 30.08 -6.81
CA VAL A 243 -18.16 30.54 -8.17
C VAL A 243 -16.89 31.09 -8.80
N CYS A 244 -16.51 30.56 -9.95
CA CYS A 244 -15.24 30.97 -10.52
C CYS A 244 -15.38 31.46 -11.94
N GLN A 245 -14.41 32.32 -12.29
CA GLN A 245 -14.06 32.64 -13.66
C GLN A 245 -12.77 31.89 -13.98
N VAL A 246 -12.83 31.02 -14.99
CA VAL A 246 -11.67 30.27 -15.46
C VAL A 246 -11.25 30.84 -16.80
N VAL A 247 -10.02 31.32 -16.88
CA VAL A 247 -9.44 31.84 -18.10
C VAL A 247 -8.20 30.98 -18.39
N MET A 248 -8.30 30.05 -19.34
CA MET A 248 -7.17 29.17 -19.56
C MET A 248 -7.03 28.91 -21.04
N PRO A 249 -5.81 28.66 -21.52
CA PRO A 249 -5.58 28.48 -22.95
C PRO A 249 -6.05 27.12 -23.45
N LYS A 250 -6.51 27.11 -24.69
CA LYS A 250 -6.46 25.88 -25.45
C LYS A 250 -5.00 25.44 -25.57
N PHE A 251 -4.78 24.13 -25.56
CA PHE A 251 -3.42 23.65 -25.80
C PHE A 251 -3.42 22.26 -26.41
N SER A 252 -2.37 22.01 -27.18
CA SER A 252 -2.12 20.74 -27.84
C SER A 252 -0.63 20.49 -27.71
N VAL A 253 -0.23 19.40 -27.06
CA VAL A 253 1.17 19.13 -26.77
C VAL A 253 1.46 17.66 -27.03
N GLU A 254 2.60 17.40 -27.67
CA GLU A 254 3.11 16.05 -27.85
C GLU A 254 4.54 16.00 -27.32
N SER A 255 4.84 14.96 -26.58
CA SER A 255 6.11 14.80 -25.89
C SER A 255 6.60 13.39 -26.12
N VAL A 256 7.88 13.25 -26.49
CA VAL A 256 8.54 11.96 -26.65
C VAL A 256 9.65 11.90 -25.63
N LEU A 257 9.49 11.06 -24.61
CA LEU A 257 10.30 11.08 -23.41
C LEU A 257 11.09 9.80 -23.28
N ASP A 258 12.36 9.94 -22.91
CA ASP A 258 13.23 8.81 -22.58
C ASP A 258 13.32 8.72 -21.07
N LEU A 259 12.81 7.63 -20.51
CA LEU A 259 12.66 7.54 -19.06
C LEU A 259 13.71 6.67 -18.38
N ARG A 260 14.71 6.17 -19.13
CA ARG A 260 15.72 5.32 -18.51
C ARG A 260 16.44 6.06 -17.40
N ASP A 261 16.89 7.26 -17.69
CA ASP A 261 17.67 7.99 -16.69
C ASP A 261 16.84 8.25 -15.43
N ALA A 262 15.58 8.69 -15.61
CA ALA A 262 14.69 8.91 -14.47
C ALA A 262 14.45 7.64 -13.68
N LEU A 263 14.19 6.51 -14.37
CA LEU A 263 13.87 5.30 -13.63
C LEU A 263 15.08 4.79 -12.87
N GLN A 264 16.28 4.98 -13.42
CA GLN A 264 17.48 4.61 -12.69
C GLN A 264 17.63 5.47 -11.45
N ARG A 265 17.47 6.79 -11.59
CA ARG A 265 17.54 7.67 -10.43
C ARG A 265 16.44 7.36 -9.41
N LEU A 266 15.37 6.68 -9.80
CA LEU A 266 14.34 6.30 -8.84
C LEU A 266 14.51 4.89 -8.33
N GLY A 267 15.69 4.31 -8.54
CA GLY A 267 16.03 3.03 -7.96
C GLY A 267 15.85 1.82 -8.84
N VAL A 268 15.41 2.00 -10.09
CA VAL A 268 15.25 0.87 -11.01
C VAL A 268 16.56 0.75 -11.80
N ARG A 269 17.45 -0.11 -11.33
CA ARG A 269 18.76 -0.17 -11.94
C ARG A 269 19.09 -1.54 -12.50
N ASP A 270 18.69 -2.62 -11.81
CA ASP A 270 19.08 -3.97 -12.24
C ASP A 270 18.48 -4.32 -13.59
N ALA A 271 17.25 -3.87 -13.84
CA ALA A 271 16.61 -4.19 -15.10
C ALA A 271 17.45 -3.77 -16.30
N PHE A 272 18.24 -2.71 -16.15
CA PHE A 272 19.06 -2.20 -17.26
C PHE A 272 20.44 -2.81 -17.32
N ASP A 273 20.85 -3.56 -16.29
CA ASP A 273 22.21 -4.04 -16.23
C ASP A 273 22.22 -5.48 -16.72
N PRO A 274 22.88 -5.79 -17.83
CA PRO A 274 22.82 -7.17 -18.36
C PRO A 274 23.40 -8.19 -17.41
N SER A 275 24.43 -7.81 -16.66
CA SER A 275 25.07 -8.74 -15.74
C SER A 275 24.16 -9.11 -14.58
N ARG A 276 23.26 -8.22 -14.19
CA ARG A 276 22.55 -8.36 -12.93
C ARG A 276 21.04 -8.52 -13.10
N ALA A 277 20.55 -8.52 -14.34
CA ALA A 277 19.11 -8.45 -14.60
C ALA A 277 18.50 -9.85 -14.50
N ASP A 278 17.69 -10.07 -13.48
CA ASP A 278 16.97 -11.33 -13.30
C ASP A 278 15.58 -11.21 -13.91
N PHE A 279 15.42 -11.66 -15.15
CA PHE A 279 14.10 -11.91 -15.73
C PHE A 279 13.82 -13.40 -15.91
N GLY A 280 14.36 -14.21 -14.97
CA GLY A 280 14.23 -15.65 -14.98
C GLY A 280 12.83 -16.20 -14.80
N GLN A 281 11.88 -15.39 -14.33
CA GLN A 281 10.50 -15.87 -14.29
C GLN A 281 9.89 -15.92 -15.68
N ALA A 282 10.42 -15.12 -16.60
CA ALA A 282 9.93 -15.16 -17.98
C ALA A 282 10.71 -16.18 -18.78
N SER A 283 12.02 -16.16 -18.62
CA SER A 283 12.89 -16.82 -19.55
C SER A 283 14.03 -17.61 -18.86
N PRO A 284 14.13 -18.90 -19.11
CA PRO A 284 15.38 -19.60 -18.78
C PRO A 284 16.59 -19.06 -19.56
N SER A 285 16.38 -18.25 -20.61
CA SER A 285 17.49 -17.62 -21.34
C SER A 285 18.53 -16.98 -20.44
N ASN A 286 18.11 -16.21 -19.43
CA ASN A 286 19.04 -15.36 -18.67
C ASN A 286 19.75 -14.40 -19.61
N ASP A 287 19.07 -14.00 -20.69
CA ASP A 287 19.60 -13.00 -21.59
C ASP A 287 18.54 -11.98 -22.02
N LEU A 288 17.58 -11.70 -21.14
CA LEU A 288 16.59 -10.70 -21.44
C LEU A 288 16.71 -9.56 -20.43
N TYR A 289 16.95 -8.34 -20.91
CA TYR A 289 17.06 -7.18 -20.05
C TYR A 289 16.52 -5.99 -20.81
N VAL A 290 16.33 -4.91 -20.06
CA VAL A 290 15.75 -3.70 -20.59
C VAL A 290 16.84 -2.77 -21.07
N THR A 291 16.68 -2.25 -22.27
CA THR A 291 17.60 -1.24 -22.79
C THR A 291 17.00 0.16 -22.78
N LYS A 292 15.72 0.30 -23.14
CA LYS A 292 15.10 1.61 -23.30
C LYS A 292 13.70 1.58 -22.73
N VAL A 293 13.30 2.69 -22.11
CA VAL A 293 11.92 2.93 -21.73
C VAL A 293 11.54 4.26 -22.34
N LEU A 294 10.61 4.22 -23.30
CA LEU A 294 10.16 5.40 -24.02
C LEU A 294 8.67 5.57 -23.90
N GLN A 295 8.26 6.83 -23.72
CA GLN A 295 6.84 7.20 -23.68
C GLN A 295 6.59 8.36 -24.64
N THR A 296 5.62 8.18 -25.52
CA THR A 296 5.13 9.30 -26.31
C THR A 296 3.69 9.57 -25.90
N SER A 297 3.43 10.82 -25.56
CA SER A 297 2.14 11.25 -25.06
C SER A 297 1.66 12.44 -25.87
N LYS A 298 0.35 12.61 -25.95
CA LYS A 298 -0.22 13.77 -26.58
C LYS A 298 -1.45 14.12 -25.79
N ILE A 299 -1.63 15.42 -25.49
CA ILE A 299 -2.80 15.91 -24.76
C ILE A 299 -3.33 17.10 -25.55
N GLU A 300 -4.65 17.17 -25.68
CA GLU A 300 -5.34 18.26 -26.36
C GLU A 300 -6.51 18.75 -25.51
N ALA A 301 -6.45 19.99 -25.08
CA ALA A 301 -7.54 20.60 -24.32
C ALA A 301 -8.07 21.79 -25.08
N ASP A 302 -9.40 21.87 -25.21
CA ASP A 302 -10.10 22.97 -25.89
C ASP A 302 -11.46 23.18 -25.23
N GLU A 303 -12.31 23.98 -25.88
CA GLU A 303 -13.59 24.35 -25.28
C GLU A 303 -14.46 23.13 -24.99
N ARG A 304 -14.38 22.11 -25.84
CA ARG A 304 -15.32 20.98 -25.77
C ARG A 304 -14.91 19.91 -24.74
N GLY A 305 -13.64 19.85 -24.36
CA GLY A 305 -13.15 18.80 -23.48
C GLY A 305 -11.69 18.52 -23.76
N THR A 306 -11.26 17.27 -23.50
CA THR A 306 -9.86 16.90 -23.57
C THR A 306 -9.67 15.56 -24.28
N THR A 307 -8.64 15.48 -25.13
CA THR A 307 -8.25 14.22 -25.77
C THR A 307 -6.80 13.95 -25.38
N ALA A 308 -6.55 12.80 -24.74
CA ALA A 308 -5.24 12.51 -24.18
C ALA A 308 -4.83 11.09 -24.55
N SER A 309 -3.55 10.93 -24.80
CA SER A 309 -3.05 9.67 -25.34
C SER A 309 -1.66 9.41 -24.81
N SER A 310 -1.37 8.16 -24.50
CA SER A 310 -0.01 7.85 -24.10
C SER A 310 0.32 6.38 -24.36
N ASP A 311 1.51 6.15 -24.92
CA ASP A 311 2.02 4.81 -25.16
C ASP A 311 3.42 4.71 -24.56
N THR A 312 3.61 3.74 -23.66
CA THR A 312 4.90 3.50 -23.03
C THR A 312 5.49 2.20 -23.58
N ALA A 313 6.73 2.28 -24.05
CA ALA A 313 7.42 1.14 -24.66
C ALA A 313 8.68 0.80 -23.88
N ILE A 314 8.73 -0.42 -23.35
CA ILE A 314 9.91 -0.93 -22.64
C ILE A 314 10.67 -1.88 -23.56
N THR A 315 11.98 -1.60 -23.72
CA THR A 315 12.86 -2.04 -24.82
C THR A 315 12.17 -2.22 -26.15
N LEU B 7 -14.99 38.66 -7.56
CA LEU B 7 -15.30 37.24 -7.70
C LEU B 7 -14.00 36.43 -7.90
N THR B 8 -14.03 35.11 -7.66
CA THR B 8 -12.81 34.29 -7.74
C THR B 8 -12.35 34.06 -9.19
N ALA B 9 -11.15 34.52 -9.52
CA ALA B 9 -10.65 34.51 -10.88
C ALA B 9 -9.39 33.65 -10.95
N ILE B 10 -9.46 32.58 -11.77
CA ILE B 10 -8.34 31.71 -12.07
C ILE B 10 -7.88 32.03 -13.49
N VAL B 11 -6.67 32.55 -13.63
CA VAL B 11 -6.14 32.97 -14.93
C VAL B 11 -4.84 32.25 -15.16
N ALA B 12 -4.85 31.31 -16.10
CA ALA B 12 -3.68 30.52 -16.44
C ALA B 12 -2.95 31.20 -17.61
N ASN B 13 -2.46 32.42 -17.32
CA ASN B 13 -1.71 33.18 -18.30
C ASN B 13 -0.22 33.24 -17.96
N LYS B 14 0.24 32.27 -17.19
CA LYS B 14 1.64 32.07 -16.86
C LYS B 14 1.85 30.57 -16.77
N PRO B 15 3.10 30.08 -16.75
CA PRO B 15 3.31 28.62 -16.69
C PRO B 15 2.50 27.95 -15.59
N PHE B 16 1.87 26.84 -15.94
CA PHE B 16 0.98 26.16 -15.01
C PHE B 16 1.11 24.65 -15.19
N MET B 17 0.43 23.92 -14.31
CA MET B 17 0.46 22.46 -14.30
C MET B 17 -0.96 21.92 -14.36
N PHE B 18 -1.15 20.83 -15.09
CA PHE B 18 -2.43 20.15 -15.03
C PHE B 18 -2.21 18.66 -14.75
N LEU B 19 -3.21 18.06 -14.13
CA LEU B 19 -3.21 16.66 -13.74
C LEU B 19 -4.59 16.14 -14.12
N ILE B 20 -4.64 15.11 -14.93
CA ILE B 20 -5.89 14.43 -15.23
C ILE B 20 -5.90 13.15 -14.42
N TYR B 21 -6.86 13.03 -13.50
CA TYR B 21 -6.89 11.96 -12.53
C TYR B 21 -8.26 11.29 -12.49
N HIS B 22 -8.27 10.05 -11.99
CA HIS B 22 -9.47 9.23 -11.89
C HIS B 22 -10.02 9.40 -10.47
N LYS B 23 -11.24 9.96 -10.34
CA LYS B 23 -11.73 10.34 -9.01
C LYS B 23 -11.96 9.14 -8.09
N PRO B 24 -12.71 8.08 -8.49
CA PRO B 24 -12.92 6.96 -7.55
C PRO B 24 -11.66 6.42 -6.92
N THR B 25 -10.56 6.29 -7.65
CA THR B 25 -9.37 5.63 -7.15
C THR B 25 -8.20 6.58 -6.89
N THR B 26 -8.38 7.87 -7.14
CA THR B 26 -7.33 8.91 -7.04
C THR B 26 -6.05 8.51 -7.76
N THR B 27 -6.19 8.19 -9.05
CA THR B 27 -5.09 7.71 -9.88
C THR B 27 -4.79 8.78 -10.93
N VAL B 28 -3.55 9.25 -10.98
CA VAL B 28 -3.17 10.27 -11.96
C VAL B 28 -2.95 9.59 -13.32
N LEU B 29 -3.85 9.87 -14.26
CA LEU B 29 -3.79 9.30 -15.61
C LEU B 29 -2.84 10.05 -16.53
N PHE B 30 -2.92 11.38 -16.53
CA PHE B 30 -2.09 12.25 -17.33
C PHE B 30 -1.70 13.49 -16.54
N MET B 31 -0.54 14.03 -16.89
CA MET B 31 0.01 15.24 -16.32
C MET B 31 0.69 16.03 -17.40
N GLY B 32 0.88 17.31 -17.13
CA GLY B 32 1.75 18.12 -17.97
C GLY B 32 1.98 19.49 -17.38
N THR B 33 3.06 20.12 -17.86
CA THR B 33 3.32 21.52 -17.58
C THR B 33 3.32 22.28 -18.89
N ILE B 34 2.78 23.49 -18.84
CA ILE B 34 2.67 24.39 -19.98
C ILE B 34 3.39 25.70 -19.64
N THR B 35 4.55 25.92 -20.26
CA THR B 35 5.36 27.10 -19.98
C THR B 35 5.42 28.10 -21.13
N LYS B 36 4.79 27.82 -22.26
CA LYS B 36 5.00 28.65 -23.44
C LYS B 36 3.87 28.46 -24.42
N GLY B 37 3.73 29.46 -25.30
CA GLY B 37 2.89 29.39 -26.48
C GLY B 37 3.70 29.13 -27.73
N GLU B 38 3.08 29.39 -28.88
CA GLU B 38 3.77 29.27 -30.16
C GLU B 38 4.17 30.61 -30.75
N LYS B 39 3.24 31.57 -30.79
CA LYS B 39 3.45 32.85 -31.45
C LYS B 39 4.00 33.86 -30.44
N VAL B 40 5.27 34.25 -30.60
CA VAL B 40 5.85 35.25 -29.70
C VAL B 40 5.28 36.64 -30.00
N ILE B 41 5.15 37.46 -28.95
CA ILE B 41 4.50 38.76 -29.01
C ILE B 41 5.39 39.80 -28.37
N TYR B 42 5.36 41.03 -28.91
CA TYR B 42 6.09 42.15 -28.32
C TYR B 42 5.09 43.27 -27.99
N ASP B 43 5.53 44.24 -27.17
CA ASP B 43 4.69 45.40 -26.86
C ASP B 43 5.59 46.59 -26.54
N THR B 44 5.02 47.79 -26.74
CA THR B 44 5.64 49.08 -26.38
C THR B 44 6.29 49.11 -25.00
N ARG C 16 9.41 6.43 1.55
CA ARG C 16 10.20 7.09 2.55
C ARG C 16 9.66 6.94 3.96
N ASP C 17 10.45 6.31 4.84
CA ASP C 17 10.05 6.13 6.24
C ASP C 17 10.41 7.34 7.11
N ILE C 18 11.40 8.12 6.68
CA ILE C 18 12.01 9.21 7.44
C ILE C 18 12.80 8.64 8.60
N GLY C 19 12.13 7.84 9.43
CA GLY C 19 12.79 7.26 10.57
C GLY C 19 13.97 6.41 10.15
N LEU C 20 13.72 5.49 9.21
CA LEU C 20 14.77 4.57 8.78
C LEU C 20 15.73 5.25 7.84
N TRP C 21 15.26 6.25 7.09
CA TRP C 21 16.12 6.96 6.18
C TRP C 21 17.03 7.93 6.89
N THR C 22 16.73 8.28 8.13
CA THR C 22 17.58 9.22 8.86
C THR C 22 18.95 8.62 9.12
N PHE C 23 19.04 7.29 9.25
CA PHE C 23 20.31 6.68 9.65
C PHE C 23 21.44 6.95 8.67
N ARG C 24 21.13 7.13 7.39
CA ARG C 24 22.18 7.35 6.40
C ARG C 24 22.96 8.63 6.68
N TYR C 25 22.39 9.54 7.45
CA TYR C 25 23.04 10.82 7.69
C TYR C 25 23.77 10.85 9.01
N VAL C 26 23.60 9.83 9.84
CA VAL C 26 24.31 9.73 11.10
C VAL C 26 25.36 8.64 11.09
N TYR C 27 25.38 7.80 10.07
CA TYR C 27 26.41 6.79 9.95
C TYR C 27 27.78 7.47 9.88
N ASN C 28 28.74 6.93 10.64
CA ASN C 28 30.09 7.47 10.71
C ASN C 28 30.97 6.27 10.39
N GLU C 29 31.58 6.32 9.21
CA GLU C 29 32.43 5.25 8.71
C GLU C 29 33.53 4.89 9.71
N SER C 30 33.93 5.84 10.54
CA SER C 30 35.05 5.68 11.45
C SER C 30 34.62 5.49 12.89
N ASP C 31 33.34 5.24 13.14
CA ASP C 31 32.89 5.13 14.51
C ASP C 31 31.75 4.11 14.60
N ASN C 32 31.36 3.80 15.82
CA ASN C 32 30.21 2.96 16.05
C ASN C 32 29.04 3.90 16.31
N VAL C 33 27.95 3.75 15.55
CA VAL C 33 26.78 4.58 15.70
C VAL C 33 25.58 3.70 16.03
N VAL C 34 24.80 4.14 17.00
CA VAL C 34 23.58 3.48 17.45
C VAL C 34 22.41 4.46 17.32
N PHE C 35 21.23 3.95 16.94
CA PHE C 35 20.12 4.81 16.53
C PHE C 35 18.81 4.06 16.71
N SER C 36 17.72 4.81 16.92
CA SER C 36 16.37 4.24 16.99
C SER C 36 15.42 4.86 15.96
N PRO C 37 15.17 4.21 14.82
CA PRO C 37 14.12 4.72 13.91
C PRO C 37 12.77 4.85 14.59
N TYR C 38 12.37 3.86 15.38
CA TYR C 38 11.06 3.93 16.01
C TYR C 38 10.95 5.15 16.94
N GLY C 39 12.00 5.43 17.72
CA GLY C 39 11.94 6.58 18.61
C GLY C 39 11.78 7.90 17.89
N LEU C 40 12.49 8.07 16.77
CA LEU C 40 12.30 9.28 15.98
C LEU C 40 10.89 9.35 15.42
N THR C 41 10.43 8.24 14.82
CA THR C 41 9.13 8.19 14.17
C THR C 41 8.01 8.50 15.14
N SER C 42 8.00 7.87 16.31
CA SER C 42 6.94 8.14 17.28
C SER C 42 7.01 9.55 17.84
N ALA C 43 8.22 10.10 18.01
CA ALA C 43 8.32 11.51 18.43
C ALA C 43 7.75 12.42 17.36
N LEU C 44 8.13 12.20 16.10
CA LEU C 44 7.53 12.99 15.03
C LEU C 44 6.02 12.79 15.00
N SER C 45 5.57 11.59 15.35
CA SER C 45 4.15 11.30 15.35
C SER C 45 3.41 12.20 16.34
N VAL C 46 4.02 12.45 17.49
CA VAL C 46 3.48 13.44 18.42
C VAL C 46 3.59 14.84 17.84
N LEU C 47 4.79 15.20 17.34
CA LEU C 47 4.99 16.52 16.75
C LEU C 47 3.95 16.82 15.69
N ARG C 48 3.36 15.78 15.10
CA ARG C 48 2.43 15.94 13.99
C ARG C 48 1.06 16.39 14.47
N ILE C 49 0.59 15.91 15.63
CA ILE C 49 -0.66 16.39 16.21
C ILE C 49 -0.62 17.84 16.65
N ALA C 50 0.56 18.44 16.80
CA ALA C 50 0.54 19.86 17.12
C ALA C 50 0.55 20.73 15.87
N ALA C 51 0.90 20.16 14.72
CA ALA C 51 1.16 20.93 13.52
C ALA C 51 -0.09 21.08 12.66
N GLY C 52 -0.05 22.07 11.77
CA GLY C 52 -1.10 22.26 10.78
C GLY C 52 -0.53 22.69 9.45
N GLY C 53 -1.37 22.57 8.42
CA GLY C 53 -0.98 23.06 7.11
C GLY C 53 0.16 22.26 6.50
N ASN C 54 1.12 22.98 5.91
CA ASN C 54 2.22 22.30 5.28
C ASN C 54 3.09 21.59 6.31
N THR C 55 3.25 22.21 7.49
CA THR C 55 4.06 21.63 8.56
C THR C 55 3.58 20.22 8.92
N LYS C 56 2.27 20.04 9.11
CA LYS C 56 1.77 18.71 9.44
C LYS C 56 1.99 17.76 8.28
N ARG C 57 1.80 18.23 7.04
CA ARG C 57 1.96 17.36 5.88
C ARG C 57 3.42 16.95 5.70
N GLU C 58 4.36 17.89 5.87
CA GLU C 58 5.77 17.50 5.72
C GLU C 58 6.22 16.52 6.81
N ILE C 59 5.53 16.47 7.94
CA ILE C 59 5.87 15.47 8.93
C ILE C 59 5.17 14.18 8.49
N ASP C 60 5.73 13.59 7.44
CA ASP C 60 5.22 12.37 6.82
C ASP C 60 5.59 11.19 7.68
N VAL C 61 4.66 10.80 8.55
CA VAL C 61 4.89 9.81 9.59
C VAL C 61 3.52 9.20 9.86
N PRO C 62 3.43 7.91 10.16
CA PRO C 62 2.12 7.37 10.56
C PRO C 62 1.50 8.09 11.74
N GLU C 63 0.19 8.38 11.62
CA GLU C 63 -0.58 8.78 12.80
C GLU C 63 -0.67 7.62 13.77
N SER C 64 -0.26 6.46 13.30
CA SER C 64 -0.19 5.21 14.04
C SER C 64 1.18 5.09 14.73
N VAL C 65 1.17 4.89 16.04
CA VAL C 65 2.37 4.41 16.71
C VAL C 65 2.12 2.94 17.08
N VAL C 66 3.15 2.11 16.89
CA VAL C 66 3.08 0.69 17.25
C VAL C 66 2.87 0.54 18.75
N GLU C 67 2.09 -0.46 19.14
CA GLU C 67 1.80 -0.70 20.56
C GLU C 67 1.99 -2.16 20.90
N ASP C 68 3.06 -2.45 21.67
CA ASP C 68 3.21 -3.72 22.36
C ASP C 68 4.03 -3.49 23.61
N SER C 69 3.45 -3.83 24.76
CA SER C 69 4.08 -3.64 26.06
C SER C 69 5.00 -4.79 26.48
N ASP C 70 4.85 -6.00 25.94
CA ASP C 70 5.73 -7.07 26.39
C ASP C 70 7.11 -6.99 25.75
N ALA C 71 7.14 -6.63 24.46
CA ALA C 71 8.36 -6.67 23.69
C ALA C 71 9.27 -5.49 23.99
N PHE C 72 8.69 -4.33 24.28
CA PHE C 72 9.46 -3.14 24.56
C PHE C 72 8.57 -2.12 25.25
N LEU C 73 9.21 -1.27 26.05
CA LEU C 73 8.57 -0.10 26.63
C LEU C 73 8.79 1.09 25.72
N ALA C 74 7.70 1.75 25.35
CA ALA C 74 7.76 2.99 24.60
C ALA C 74 6.99 4.05 25.37
N LEU C 75 7.46 5.29 25.28
CA LEU C 75 6.88 6.39 26.05
C LEU C 75 6.97 7.68 25.24
N ARG C 76 5.87 8.44 25.21
CA ARG C 76 5.80 9.74 24.55
C ARG C 76 5.21 10.75 25.52
N GLU C 77 6.02 11.74 25.91
CA GLU C 77 5.62 12.82 26.82
C GLU C 77 5.86 14.17 26.16
N LEU C 78 5.04 15.14 26.54
CA LEU C 78 5.17 16.51 26.06
C LEU C 78 5.23 17.44 27.26
N PHE C 79 6.24 18.31 27.29
CA PHE C 79 6.41 19.27 28.38
C PHE C 79 6.34 20.67 27.79
N VAL C 80 5.22 21.36 28.02
CA VAL C 80 5.00 22.71 27.52
C VAL C 80 5.08 23.70 28.67
N ASP C 81 5.76 24.82 28.43
CA ASP C 81 5.91 25.85 29.45
C ASP C 81 4.57 26.48 29.82
N ALA C 82 4.39 26.76 31.11
CA ALA C 82 3.12 27.28 31.59
C ALA C 82 2.76 28.62 30.95
N SER C 83 3.72 29.30 30.31
CA SER C 83 3.40 30.54 29.59
C SER C 83 2.56 30.30 28.36
N VAL C 84 2.72 29.16 27.70
CA VAL C 84 2.14 28.97 26.38
C VAL C 84 0.66 28.66 26.48
N PRO C 85 -0.20 29.45 25.85
CA PRO C 85 -1.61 29.06 25.80
C PRO C 85 -1.77 27.82 24.94
N LEU C 86 -2.40 26.81 25.52
CA LEU C 86 -2.70 25.60 24.80
C LEU C 86 -4.21 25.52 24.66
N ARG C 87 -4.66 24.70 23.73
CA ARG C 87 -6.06 24.77 23.36
C ARG C 87 -6.77 23.50 23.75
N PRO C 88 -7.93 23.63 24.40
CA PRO C 88 -8.50 22.47 25.11
C PRO C 88 -8.70 21.26 24.22
N GLU C 89 -8.92 21.48 22.92
CA GLU C 89 -9.07 20.36 22.01
C GLU C 89 -7.73 19.68 21.73
N PHE C 90 -6.62 20.38 21.92
CA PHE C 90 -5.31 19.78 21.72
C PHE C 90 -4.91 18.93 22.91
N THR C 91 -5.17 19.42 24.12
CA THR C 91 -4.79 18.65 25.29
C THR C 91 -5.62 17.39 25.40
N ALA C 92 -6.91 17.46 25.05
CA ALA C 92 -7.72 16.26 25.01
C ALA C 92 -7.22 15.30 23.93
N GLU C 93 -7.04 15.80 22.71
CA GLU C 93 -6.56 14.94 21.64
C GLU C 93 -5.22 14.29 22.03
N PHE C 94 -4.33 15.06 22.65
CA PHE C 94 -3.11 14.48 23.18
C PHE C 94 -3.41 13.47 24.27
N SER C 95 -4.32 13.82 25.18
CA SER C 95 -4.63 12.94 26.31
C SER C 95 -5.37 11.69 25.87
N SER C 96 -6.26 11.81 24.89
CA SER C 96 -7.04 10.66 24.44
C SER C 96 -6.15 9.65 23.72
N ARG C 97 -5.08 10.14 23.11
CA ARG C 97 -4.29 9.37 22.17
C ARG C 97 -3.05 8.72 22.76
N PHE C 98 -2.48 9.28 23.82
CA PHE C 98 -1.24 8.77 24.36
C PHE C 98 -1.35 8.38 25.83
N ASN C 99 -2.59 8.27 26.35
CA ASN C 99 -2.83 7.85 27.72
C ASN C 99 -1.95 8.67 28.67
N THR C 100 -1.86 9.96 28.40
CA THR C 100 -1.00 10.86 29.16
C THR C 100 -1.42 12.30 28.89
N SER C 101 -1.14 13.17 29.85
CA SER C 101 -1.55 14.56 29.83
C SER C 101 -0.37 15.47 29.55
N VAL C 102 -0.61 16.56 28.82
CA VAL C 102 0.43 17.56 28.62
C VAL C 102 0.90 18.08 29.97
N GLN C 103 2.20 18.17 30.15
CA GLN C 103 2.80 18.53 31.44
C GLN C 103 3.30 19.97 31.43
N ARG C 104 2.66 20.83 32.23
CA ARG C 104 3.10 22.22 32.36
C ARG C 104 4.29 22.32 33.28
N VAL C 105 5.26 23.15 32.86
CA VAL C 105 6.61 23.19 33.41
C VAL C 105 7.09 24.62 33.22
N THR C 106 8.06 25.02 34.02
CA THR C 106 8.66 26.36 33.89
C THR C 106 10.11 26.22 33.44
N PHE C 107 10.39 26.65 32.21
CA PHE C 107 11.74 26.53 31.69
C PHE C 107 12.64 27.64 32.21
N ASN C 108 12.08 28.63 32.92
CA ASN C 108 12.85 29.62 33.67
C ASN C 108 13.08 29.15 35.10
N SER C 109 13.79 28.04 35.25
CA SER C 109 13.93 27.42 36.57
C SER C 109 15.15 26.51 36.57
N GLU C 110 15.58 26.14 37.77
CA GLU C 110 16.74 25.28 37.94
C GLU C 110 16.36 23.82 38.16
N ASN C 111 15.24 23.56 38.84
CA ASN C 111 14.83 22.20 39.14
C ASN C 111 14.13 21.52 37.96
N VAL C 112 13.69 22.29 36.96
CA VAL C 112 12.93 21.83 35.80
C VAL C 112 13.45 20.51 35.26
N LYS C 113 14.77 20.41 35.09
CA LYS C 113 15.34 19.20 34.52
C LYS C 113 15.19 18.00 35.44
N ASP C 114 14.95 18.23 36.72
CA ASP C 114 14.75 17.13 37.65
C ASP C 114 13.28 16.81 37.87
N VAL C 115 12.38 17.78 37.76
CA VAL C 115 10.97 17.42 37.74
C VAL C 115 10.65 16.64 36.46
N ILE C 116 11.37 16.92 35.38
CA ILE C 116 11.26 16.09 34.19
C ILE C 116 11.93 14.75 34.42
N ASN C 117 13.18 14.77 34.92
CA ASN C 117 13.89 13.54 35.23
C ASN C 117 13.07 12.64 36.16
N SER C 118 12.52 13.24 37.21
CA SER C 118 11.68 12.47 38.14
C SER C 118 10.42 11.99 37.46
N TYR C 119 9.86 12.81 36.56
CA TYR C 119 8.61 12.46 35.92
C TYR C 119 8.76 11.18 35.09
N VAL C 120 9.88 11.04 34.39
CA VAL C 120 10.05 9.89 33.49
C VAL C 120 10.40 8.60 34.22
N LYS C 121 10.41 8.62 35.55
CA LYS C 121 10.69 7.36 36.23
C LYS C 121 9.40 6.57 36.45
N ASP C 122 8.30 7.25 36.80
CA ASP C 122 6.99 6.63 36.76
C ASP C 122 6.55 6.45 35.32
N VAL C 128 17.55 7.28 33.56
CA VAL C 128 17.19 8.65 33.92
C VAL C 128 17.68 9.63 32.84
N PRO C 129 16.87 9.79 31.81
CA PRO C 129 17.21 10.70 30.70
C PRO C 129 17.40 12.13 31.18
N LEU C 132 21.00 14.67 28.45
CA LEU C 132 19.83 15.28 27.84
C LEU C 132 19.69 16.73 28.30
N ASP C 133 20.85 17.35 28.50
CA ASP C 133 20.93 18.74 28.93
C ASP C 133 21.29 19.66 27.79
N ALA C 134 21.95 19.13 26.75
CA ALA C 134 22.31 19.88 25.56
C ALA C 134 21.10 20.38 24.80
N SER C 135 19.91 19.94 25.19
CA SER C 135 18.70 20.20 24.45
C SER C 135 17.70 21.07 25.17
N LEU C 136 17.91 21.34 26.46
CA LEU C 136 17.05 22.28 27.18
C LEU C 136 17.89 23.54 27.29
N ASP C 137 17.80 24.33 26.26
CA ASP C 137 18.22 25.70 26.25
C ASP C 137 17.06 26.42 26.91
N ARG C 138 17.31 27.61 27.44
CA ARG C 138 16.11 28.25 27.94
C ARG C 138 15.47 29.01 26.78
N ASP C 139 14.30 29.60 27.04
CA ASP C 139 13.36 30.09 26.04
C ASP C 139 12.78 28.87 25.36
N THR C 140 13.25 27.69 25.74
CA THR C 140 12.56 26.47 25.38
C THR C 140 11.12 26.63 25.80
N LYS C 141 10.23 26.52 24.84
CA LYS C 141 8.82 26.62 25.13
C LYS C 141 8.12 25.28 25.06
N MET C 142 8.81 24.26 24.57
CA MET C 142 8.23 22.93 24.49
C MET C 142 9.36 21.90 24.44
N LEU C 143 9.16 20.78 25.13
CA LEU C 143 10.04 19.62 25.03
C LEU C 143 9.19 18.40 24.72
N LEU C 144 9.40 17.84 23.54
CA LEU C 144 8.70 16.65 23.10
C LEU C 144 9.64 15.48 23.27
N LEU C 145 9.23 14.48 24.05
CA LEU C 145 10.17 13.46 24.49
C LEU C 145 9.67 12.07 24.13
N SER C 146 10.53 11.31 23.44
CA SER C 146 10.22 9.93 23.06
C SER C 146 11.28 9.01 23.64
N SER C 147 10.84 8.04 24.45
CA SER C 147 11.72 7.05 25.08
C SER C 147 11.33 5.65 24.65
N VAL C 148 12.32 4.85 24.26
CA VAL C 148 12.13 3.45 23.87
C VAL C 148 13.11 2.63 24.69
N ARG C 149 12.61 1.53 25.28
CA ARG C 149 13.43 0.66 26.12
C ARG C 149 13.18 -0.81 25.79
N MET C 150 14.26 -1.58 25.75
CA MET C 150 14.19 -3.01 25.50
C MET C 150 15.25 -3.73 26.31
N LYS C 151 14.85 -4.78 27.04
CA LYS C 151 15.80 -5.67 27.71
C LYS C 151 15.31 -7.09 27.49
N THR C 152 16.06 -7.89 26.75
CA THR C 152 15.59 -9.22 26.38
C THR C 152 16.77 -10.16 26.14
N SER C 153 16.60 -11.41 26.55
CA SER C 153 17.61 -12.43 26.30
C SER C 153 17.46 -12.97 24.90
N TRP C 154 18.52 -13.59 24.42
CA TRP C 154 18.42 -14.35 23.19
C TRP C 154 17.51 -15.56 23.39
N ARG C 155 16.94 -16.07 22.30
CA ARG C 155 16.22 -17.35 22.35
C ARG C 155 17.17 -18.47 22.75
N HIS C 156 18.36 -18.50 22.16
CA HIS C 156 19.43 -19.41 22.55
C HIS C 156 20.66 -18.55 22.86
N VAL C 157 21.00 -18.45 24.15
CA VAL C 157 22.11 -17.58 24.55
C VAL C 157 23.44 -18.18 24.09
N PHE C 158 24.47 -17.33 24.06
CA PHE C 158 25.84 -17.79 23.89
C PHE C 158 26.39 -18.29 25.23
N ASP C 159 27.43 -19.11 25.17
CA ASP C 159 28.15 -19.53 26.37
C ASP C 159 29.32 -18.60 26.62
N PRO C 160 29.32 -17.84 27.72
CA PRO C 160 30.42 -16.88 27.94
C PRO C 160 31.77 -17.55 28.04
N SER C 161 31.83 -18.82 28.47
CA SER C 161 33.09 -19.54 28.60
C SER C 161 33.73 -19.84 27.25
N PHE C 162 32.99 -19.73 26.16
CA PHE C 162 33.58 -19.91 24.83
C PHE C 162 33.82 -18.60 24.11
N THR C 163 33.53 -17.48 24.76
CA THR C 163 33.91 -16.18 24.23
C THR C 163 35.41 -15.98 24.36
N THR C 164 36.05 -15.56 23.27
CA THR C 164 37.50 -15.44 23.24
C THR C 164 37.89 -14.11 22.62
N ASP C 165 39.07 -13.64 22.97
CA ASP C 165 39.64 -12.47 22.31
C ASP C 165 39.99 -12.83 20.88
N GLN C 166 39.48 -12.03 19.94
CA GLN C 166 39.70 -12.27 18.51
C GLN C 166 39.91 -10.95 17.80
N PRO C 167 40.63 -10.97 16.68
CA PRO C 167 40.86 -9.73 15.93
C PRO C 167 39.61 -9.27 15.17
N PHE C 168 39.57 -7.97 14.90
CA PHE C 168 38.49 -7.34 14.15
C PHE C 168 39.11 -6.45 13.08
N TYR C 169 38.79 -6.72 11.82
CA TYR C 169 39.49 -6.08 10.72
C TYR C 169 38.61 -4.96 10.18
N SER C 170 38.96 -3.75 10.56
CA SER C 170 38.25 -2.56 10.12
C SER C 170 39.13 -1.85 9.09
N GLY C 171 38.96 -2.21 7.83
CA GLY C 171 39.80 -1.61 6.83
C GLY C 171 41.25 -1.98 7.06
N ASN C 172 42.06 -0.99 7.46
CA ASN C 172 43.48 -1.16 7.71
C ASN C 172 43.88 -1.18 9.19
N VAL C 173 43.04 -0.65 10.10
CA VAL C 173 43.27 -0.81 11.55
C VAL C 173 42.80 -2.20 11.98
N THR C 174 43.42 -2.75 13.01
CA THR C 174 42.99 -4.02 13.59
C THR C 174 42.73 -3.81 15.07
N TYR C 175 41.70 -4.46 15.58
CA TYR C 175 41.23 -4.28 16.94
C TYR C 175 41.10 -5.63 17.63
N LYS C 176 40.98 -5.57 18.95
CA LYS C 176 40.82 -6.75 19.77
C LYS C 176 39.43 -6.71 20.40
N VAL C 177 38.60 -7.69 20.04
CA VAL C 177 37.23 -7.73 20.51
C VAL C 177 37.00 -9.04 21.25
N ARG C 178 36.01 -9.00 22.12
CA ARG C 178 35.50 -10.17 22.84
C ARG C 178 34.48 -10.84 21.92
N MET C 179 34.85 -11.99 21.37
CA MET C 179 34.09 -12.61 20.30
C MET C 179 33.24 -13.76 20.81
N MET C 180 31.93 -13.62 20.70
CA MET C 180 31.04 -14.71 21.06
C MET C 180 31.06 -15.79 19.98
N ASN C 181 30.69 -17.02 20.35
CA ASN C 181 30.86 -18.15 19.45
C ASN C 181 29.82 -19.20 19.82
N LYS C 182 28.95 -19.55 18.88
CA LYS C 182 27.94 -20.57 19.13
C LYS C 182 27.48 -21.20 17.83
N ILE C 183 26.86 -22.37 17.96
CA ILE C 183 26.14 -23.02 16.88
C ILE C 183 24.65 -22.97 17.16
N ASP C 184 23.88 -22.65 16.13
CA ASP C 184 22.47 -22.42 16.34
C ASP C 184 21.81 -22.67 14.99
N THR C 185 20.53 -22.98 15.05
CA THR C 185 19.72 -23.11 13.85
C THR C 185 18.95 -21.81 13.68
N LEU C 186 19.20 -21.12 12.56
CA LEU C 186 18.77 -19.75 12.36
C LEU C 186 18.45 -19.50 10.90
N LYS C 187 17.58 -18.52 10.66
CA LYS C 187 17.36 -18.05 9.30
C LYS C 187 18.55 -17.21 8.88
N THR C 188 19.04 -17.46 7.66
CA THR C 188 20.20 -16.74 7.13
C THR C 188 20.19 -16.87 5.60
N GLU C 189 21.03 -16.07 4.93
CA GLU C 189 21.21 -16.14 3.47
C GLU C 189 22.27 -15.14 3.01
N THR C 190 22.85 -15.40 1.83
CA THR C 190 23.74 -14.42 1.21
C THR C 190 23.01 -13.68 0.09
N PHE C 191 23.51 -12.49 -0.21
CA PHE C 191 22.85 -11.58 -1.13
C PHE C 191 23.94 -10.78 -1.84
N THR C 192 23.51 -10.07 -2.87
CA THR C 192 24.38 -9.09 -3.52
C THR C 192 23.54 -7.88 -3.86
N LEU C 193 24.20 -6.75 -3.86
CA LEU C 193 23.77 -5.58 -4.58
C LEU C 193 24.99 -5.11 -5.34
N ARG C 194 24.75 -4.40 -6.43
CA ARG C 194 25.80 -3.53 -6.94
C ARG C 194 26.90 -4.30 -7.66
N VAL C 196 28.56 -5.73 -4.56
CA VAL C 196 28.71 -5.77 -3.11
C VAL C 196 27.95 -6.98 -2.54
N GLY C 197 28.71 -7.89 -1.95
CA GLY C 197 28.20 -9.11 -1.37
C GLY C 197 28.11 -9.06 0.14
N TYR C 198 27.09 -9.71 0.69
CA TYR C 198 26.85 -9.65 2.12
C TYR C 198 25.94 -10.80 2.52
N SER C 199 25.85 -11.02 3.85
CA SER C 199 24.93 -11.99 4.42
C SER C 199 23.99 -11.25 5.36
N VAL C 200 22.85 -11.89 5.67
CA VAL C 200 21.91 -11.39 6.66
C VAL C 200 21.40 -12.59 7.45
N THR C 201 21.37 -12.46 8.79
CA THR C 201 21.03 -13.56 9.68
C THR C 201 20.13 -13.06 10.78
N GLU C 202 19.11 -13.84 11.14
CA GLU C 202 18.15 -13.46 12.16
C GLU C 202 18.42 -14.21 13.45
N LEU C 203 18.80 -13.46 14.49
CA LEU C 203 19.00 -13.89 15.87
C LEU C 203 17.76 -13.56 16.67
N PRO C 204 16.87 -14.51 16.91
CA PRO C 204 15.60 -14.21 17.59
C PRO C 204 15.76 -14.02 19.09
N TYR C 205 14.94 -13.15 19.65
CA TYR C 205 15.00 -13.00 21.10
C TYR C 205 14.05 -13.99 21.75
N LYS C 206 14.21 -14.16 23.06
CA LYS C 206 13.20 -14.80 23.88
C LYS C 206 12.03 -13.84 24.11
N ARG C 207 10.92 -13.99 23.40
CA ARG C 207 10.78 -15.04 22.44
C ARG C 207 9.87 -14.40 21.41
N ARG C 208 9.89 -14.96 20.20
CA ARG C 208 8.82 -14.89 19.21
C ARG C 208 8.41 -13.49 18.73
N GLN C 209 9.00 -12.36 19.12
CA GLN C 209 8.42 -11.12 18.59
C GLN C 209 9.36 -10.05 18.11
N THR C 210 10.54 -10.01 18.70
CA THR C 210 11.61 -9.16 18.25
C THR C 210 12.77 -10.04 17.81
N ALA C 211 13.62 -9.49 16.96
CA ALA C 211 14.79 -10.25 16.54
C ALA C 211 15.86 -9.27 16.14
N MET C 212 17.09 -9.77 16.07
CA MET C 212 18.19 -8.97 15.54
C MET C 212 18.54 -9.49 14.15
N LEU C 213 18.52 -8.61 13.16
CA LEU C 213 19.09 -8.92 11.86
C LEU C 213 20.56 -8.53 11.91
N LEU C 214 21.43 -9.49 11.62
CA LEU C 214 22.86 -9.26 11.61
C LEU C 214 23.27 -9.26 10.15
N VAL C 215 23.83 -8.14 9.69
CA VAL C 215 24.16 -7.93 8.28
C VAL C 215 25.68 -7.78 8.18
N VAL C 216 26.34 -8.71 7.50
CA VAL C 216 27.79 -8.74 7.41
C VAL C 216 28.19 -8.54 5.96
N PRO C 217 28.65 -7.37 5.61
CA PRO C 217 28.94 -7.09 4.21
C PRO C 217 30.41 -6.93 3.93
N ASP C 218 30.78 -7.16 2.67
CA ASP C 218 32.11 -6.76 2.25
C ASP C 218 32.21 -5.26 2.05
N ASP C 219 31.08 -4.55 2.02
CA ASP C 219 31.09 -3.09 1.90
C ASP C 219 29.91 -2.53 2.69
N LEU C 220 30.18 -2.10 3.93
CA LEU C 220 29.13 -1.65 4.80
C LEU C 220 28.47 -0.37 4.29
N GLY C 221 29.28 0.60 3.84
CA GLY C 221 28.74 1.88 3.38
C GLY C 221 27.73 1.75 2.24
N GLU C 222 27.92 0.75 1.39
CA GLU C 222 26.95 0.44 0.35
C GLU C 222 25.64 -0.06 0.96
N ILE C 223 25.71 -0.92 1.98
CA ILE C 223 24.49 -1.37 2.67
C ILE C 223 23.77 -0.18 3.28
N VAL C 224 24.52 0.74 3.86
CA VAL C 224 23.92 1.91 4.50
C VAL C 224 23.12 2.72 3.48
N ARG C 225 23.73 3.06 2.35
CA ARG C 225 23.06 3.91 1.38
C ARG C 225 21.86 3.24 0.71
N ALA C 226 21.71 1.92 0.82
CA ALA C 226 20.60 1.22 0.20
C ALA C 226 19.49 0.86 1.18
N LEU C 227 19.71 1.01 2.48
CA LEU C 227 18.75 0.48 3.44
C LEU C 227 17.41 1.20 3.32
N ASP C 228 16.33 0.42 3.23
CA ASP C 228 14.97 0.93 3.35
C ASP C 228 14.05 -0.25 3.62
N LEU C 229 12.76 0.03 3.85
CA LEU C 229 11.86 -1.03 4.29
C LEU C 229 11.68 -2.12 3.24
N SER C 230 11.75 -1.75 1.96
CA SER C 230 11.68 -2.76 0.90
C SER C 230 12.81 -3.76 1.03
N LEU C 231 14.05 -3.26 1.18
CA LEU C 231 15.21 -4.14 1.33
C LEU C 231 15.11 -5.00 2.59
N VAL C 232 14.63 -4.43 3.69
CA VAL C 232 14.51 -5.25 4.89
C VAL C 232 13.50 -6.37 4.66
N ARG C 233 12.35 -6.05 4.04
CA ARG C 233 11.36 -7.11 3.80
C ARG C 233 11.88 -8.13 2.81
N PHE C 234 12.68 -7.69 1.85
CA PHE C 234 13.32 -8.63 0.94
C PHE C 234 14.14 -9.65 1.75
N TRP C 235 15.00 -9.16 2.65
CA TRP C 235 15.76 -10.02 3.56
C TRP C 235 14.86 -10.97 4.34
N ILE C 236 13.75 -10.47 4.89
CA ILE C 236 12.92 -11.31 5.74
C ILE C 236 12.31 -12.46 4.94
N ARG C 237 11.94 -12.21 3.68
CA ARG C 237 11.28 -13.25 2.89
C ARG C 237 12.25 -14.34 2.45
N ASN C 238 13.49 -13.96 2.12
CA ASN C 238 14.44 -14.83 1.45
C ASN C 238 15.45 -15.55 2.36
N MET C 239 15.47 -15.33 3.67
CA MET C 239 16.37 -16.09 4.56
C MET C 239 15.81 -17.48 4.86
N ARG C 240 16.68 -18.48 4.82
CA ARG C 240 16.29 -19.86 5.05
C ARG C 240 16.83 -20.34 6.39
N LYS C 241 15.99 -21.02 7.17
CA LYS C 241 16.45 -21.69 8.37
C LYS C 241 17.56 -22.69 8.04
N ASP C 242 18.69 -22.55 8.74
CA ASP C 242 19.88 -23.34 8.48
C ASP C 242 20.67 -23.43 9.78
N VAL C 243 21.48 -24.48 9.90
CA VAL C 243 22.37 -24.64 11.03
C VAL C 243 23.59 -23.76 10.78
N CYS C 244 23.86 -22.85 11.70
CA CYS C 244 24.92 -21.87 11.50
C CYS C 244 25.88 -21.89 12.68
N GLN C 245 27.10 -21.44 12.39
CA GLN C 245 28.03 -20.99 13.39
C GLN C 245 28.01 -19.46 13.37
N VAL C 246 27.64 -18.85 14.49
CA VAL C 246 27.61 -17.40 14.63
C VAL C 246 28.79 -16.99 15.50
N VAL C 247 29.70 -16.23 14.91
CA VAL C 247 30.87 -15.67 15.57
C VAL C 247 30.71 -14.15 15.50
N MET C 248 30.31 -13.52 16.60
CA MET C 248 30.07 -12.08 16.59
C MET C 248 30.56 -11.44 17.87
N PRO C 249 30.97 -10.17 17.82
CA PRO C 249 31.51 -9.50 19.01
C PRO C 249 30.43 -9.09 19.98
N LYS C 250 30.77 -9.17 21.27
CA LYS C 250 30.05 -8.39 22.25
C LYS C 250 30.25 -6.92 21.93
N PHE C 251 29.24 -6.09 22.16
CA PHE C 251 29.48 -4.68 21.94
C PHE C 251 28.59 -3.84 22.85
N SER C 252 29.10 -2.66 23.17
CA SER C 252 28.38 -1.67 23.97
C SER C 252 28.65 -0.32 23.35
N VAL C 253 27.60 0.34 22.87
CA VAL C 253 27.75 1.57 22.09
C VAL C 253 26.69 2.55 22.55
N GLU C 254 27.12 3.81 22.72
CA GLU C 254 26.24 4.92 23.03
C GLU C 254 26.49 6.04 22.03
N SER C 255 25.41 6.62 21.52
CA SER C 255 25.49 7.64 20.48
C SER C 255 24.57 8.79 20.87
N VAL C 256 25.08 10.01 20.72
CA VAL C 256 24.33 11.25 20.95
C VAL C 256 24.29 11.94 19.61
N LEU C 257 23.11 12.00 19.00
CA LEU C 257 22.93 12.42 17.61
C LEU C 257 22.04 13.65 17.53
N ASP C 258 22.47 14.59 16.69
CA ASP C 258 21.68 15.75 16.31
C ASP C 258 21.06 15.44 14.96
N LEU C 259 19.73 15.35 14.92
CA LEU C 259 19.02 14.90 13.73
C LEU C 259 18.37 16.03 12.94
N ARG C 260 18.61 17.29 13.32
CA ARG C 260 17.98 18.40 12.59
C ARG C 260 18.37 18.38 11.12
N ASP C 261 19.67 18.31 10.86
CA ASP C 261 20.16 18.33 9.49
C ASP C 261 19.57 17.17 8.68
N ALA C 262 19.54 15.97 9.28
CA ALA C 262 18.98 14.81 8.60
C ALA C 262 17.50 15.03 8.26
N LEU C 263 16.72 15.54 9.20
CA LEU C 263 15.29 15.68 8.98
C LEU C 263 14.97 16.75 7.94
N GLN C 264 15.78 17.81 7.88
CA GLN C 264 15.53 18.82 6.85
C GLN C 264 15.75 18.23 5.47
N ARG C 265 16.87 17.55 5.29
CA ARG C 265 17.17 16.94 3.99
C ARG C 265 16.11 15.92 3.58
N LEU C 266 15.33 15.42 4.52
CA LEU C 266 14.25 14.49 4.25
C LEU C 266 12.88 15.18 4.13
N GLY C 267 12.87 16.50 3.99
CA GLY C 267 11.62 17.20 3.72
C GLY C 267 10.94 17.83 4.91
N VAL C 268 11.49 17.70 6.11
CA VAL C 268 10.91 18.37 7.28
C VAL C 268 11.62 19.71 7.40
N ARG C 269 11.02 20.75 6.82
CA ARG C 269 11.65 22.08 6.79
C ARG C 269 10.84 23.14 7.51
N ASP C 270 9.50 23.13 7.39
CA ASP C 270 8.74 24.23 7.99
C ASP C 270 8.85 24.23 9.51
N ALA C 271 8.86 23.04 10.14
CA ALA C 271 8.90 22.95 11.59
C ALA C 271 10.11 23.67 12.19
N PHE C 272 11.23 23.77 11.45
CA PHE C 272 12.42 24.41 11.98
C PHE C 272 12.50 25.89 11.67
N ASP C 273 11.64 26.41 10.80
CA ASP C 273 11.73 27.80 10.35
C ASP C 273 10.75 28.65 11.13
N PRO C 274 11.23 29.65 11.90
CA PRO C 274 10.32 30.43 12.76
C PRO C 274 9.21 31.12 12.00
N SER C 275 9.48 31.49 10.75
CA SER C 275 8.49 32.19 9.94
C SER C 275 7.26 31.37 9.55
N ARG C 276 7.46 30.13 9.16
CA ARG C 276 6.36 29.27 8.73
C ARG C 276 5.99 28.06 9.60
N ALA C 277 6.56 27.93 10.79
CA ALA C 277 6.23 26.77 11.60
C ALA C 277 4.78 26.90 12.02
N ASP C 278 3.88 26.13 11.40
CA ASP C 278 2.47 26.14 11.76
C ASP C 278 2.25 25.03 12.79
N PHE C 279 2.30 25.40 14.08
CA PHE C 279 1.85 24.53 15.17
C PHE C 279 0.56 25.07 15.81
N GLY C 280 -0.28 25.70 14.99
CA GLY C 280 -1.52 26.28 15.46
C GLY C 280 -2.51 25.28 16.00
N GLN C 281 -2.34 24.00 15.69
CA GLN C 281 -3.23 23.02 16.30
C GLN C 281 -2.97 22.86 17.78
N ALA C 282 -1.76 23.25 18.24
CA ALA C 282 -1.42 23.21 19.65
C ALA C 282 -1.69 24.53 20.36
N SER C 283 -1.19 25.63 19.80
CA SER C 283 -1.14 26.92 20.50
C SER C 283 -1.57 28.00 19.54
N PRO C 284 -2.58 28.79 19.89
CA PRO C 284 -2.82 30.00 19.12
C PRO C 284 -1.71 31.04 19.22
N SER C 285 -0.80 31.03 20.20
CA SER C 285 0.13 32.18 20.24
C SER C 285 1.00 32.25 19.00
N ASN C 286 1.29 31.09 18.40
CA ASN C 286 2.23 31.02 17.29
C ASN C 286 3.65 31.41 17.73
N ASP C 287 4.02 31.06 18.96
CA ASP C 287 5.41 31.20 19.38
C ASP C 287 6.07 29.84 19.62
N LEU C 288 5.56 28.79 19.00
CA LEU C 288 6.14 27.47 19.12
C LEU C 288 6.76 27.09 17.78
N TYR C 289 8.01 26.66 17.82
CA TYR C 289 8.65 26.08 16.65
C TYR C 289 9.78 25.19 17.15
N VAL C 290 10.27 24.36 16.26
CA VAL C 290 11.32 23.41 16.59
C VAL C 290 12.66 24.02 16.25
N THR C 291 13.59 24.01 17.21
CA THR C 291 14.96 24.46 17.06
C THR C 291 15.98 23.31 17.09
N LYS C 292 15.71 22.24 17.84
CA LYS C 292 16.67 21.15 18.05
C LYS C 292 15.92 19.82 18.01
N VAL C 293 16.53 18.80 17.40
CA VAL C 293 16.10 17.42 17.58
C VAL C 293 17.34 16.58 17.88
N LEU C 294 17.44 16.05 19.09
CA LEU C 294 18.58 15.27 19.53
C LEU C 294 18.10 13.91 20.00
N GLN C 295 18.86 12.87 19.67
CA GLN C 295 18.58 11.51 20.10
C GLN C 295 19.81 10.95 20.82
N THR C 296 19.58 10.38 21.99
CA THR C 296 20.62 9.61 22.68
C THR C 296 20.15 8.18 22.78
N SER C 297 20.99 7.27 22.31
CA SER C 297 20.66 5.85 22.26
C SER C 297 21.86 5.08 22.81
N LYS C 298 21.57 3.93 23.41
CA LYS C 298 22.58 3.03 23.94
C LYS C 298 22.14 1.60 23.69
N ILE C 299 23.04 0.77 23.15
CA ILE C 299 22.80 -0.66 22.96
C ILE C 299 23.97 -1.47 23.52
N GLU C 300 23.65 -2.56 24.21
CA GLU C 300 24.60 -3.52 24.75
C GLU C 300 24.13 -4.92 24.40
N ALA C 301 24.92 -5.62 23.59
CA ALA C 301 24.66 -7.01 23.24
C ALA C 301 25.76 -7.87 23.80
N ASP C 302 25.38 -8.96 24.48
CA ASP C 302 26.35 -9.86 25.10
C ASP C 302 25.82 -11.28 24.97
N GLU C 303 26.50 -12.22 25.64
CA GLU C 303 26.12 -13.62 25.51
C GLU C 303 24.70 -13.86 25.96
N ARG C 304 24.17 -13.02 26.85
CA ARG C 304 22.84 -13.27 27.39
C ARG C 304 21.75 -12.69 26.51
N GLY C 305 22.05 -11.63 25.78
CA GLY C 305 20.97 -10.95 25.09
C GLY C 305 21.36 -9.51 24.80
N THR C 306 20.34 -8.65 24.77
CA THR C 306 20.52 -7.26 24.35
C THR C 306 19.75 -6.33 25.27
N THR C 307 20.38 -5.20 25.61
CA THR C 307 19.72 -4.13 26.34
C THR C 307 19.87 -2.83 25.55
N ALA C 308 18.75 -2.21 25.19
CA ALA C 308 18.75 -1.05 24.30
C ALA C 308 17.84 0.06 24.82
N SER C 309 18.27 1.29 24.62
CA SER C 309 17.48 2.41 25.10
C SER C 309 17.73 3.59 24.17
N SER C 310 16.69 4.39 23.94
CA SER C 310 16.82 5.58 23.12
C SER C 310 15.81 6.62 23.59
N ASP C 311 16.26 7.87 23.70
CA ASP C 311 15.43 9.01 24.09
C ASP C 311 15.57 10.06 23.00
N THR C 312 14.45 10.46 22.40
CA THR C 312 14.43 11.51 21.37
C THR C 312 13.79 12.75 21.96
N ALA C 313 14.49 13.88 21.88
CA ALA C 313 14.02 15.15 22.45
C ALA C 313 13.85 16.13 21.31
N ILE C 314 12.62 16.60 21.13
CA ILE C 314 12.35 17.63 20.14
C ILE C 314 12.18 18.95 20.87
N THR C 315 12.94 19.96 20.44
CA THR C 315 13.25 21.22 21.15
C THR C 315 13.13 21.12 22.64
N ALA D 6 33.01 -28.08 6.38
CA ALA D 6 32.41 -26.75 6.41
C ALA D 6 30.92 -26.80 6.75
N LEU D 7 30.51 -25.81 7.53
CA LEU D 7 29.14 -25.54 7.95
C LEU D 7 28.88 -24.07 7.61
N THR D 8 27.61 -23.65 7.61
CA THR D 8 27.34 -22.24 7.31
C THR D 8 27.87 -21.37 8.44
N ALA D 9 28.79 -20.47 8.11
CA ALA D 9 29.51 -19.68 9.09
C ALA D 9 29.26 -18.21 8.83
N ILE D 10 28.71 -17.51 9.81
CA ILE D 10 28.60 -16.06 9.77
C ILE D 10 29.61 -15.51 10.76
N VAL D 11 30.60 -14.76 10.27
CA VAL D 11 31.70 -14.27 11.09
C VAL D 11 31.74 -12.74 11.02
N ALA D 12 31.35 -12.09 12.12
CA ALA D 12 31.23 -10.64 12.18
C ALA D 12 32.51 -10.00 12.74
N ASN D 13 33.60 -10.20 12.01
CA ASN D 13 34.90 -9.63 12.38
C ASN D 13 35.35 -8.53 11.41
N LYS D 14 34.42 -7.86 10.79
CA LYS D 14 34.64 -6.69 9.95
C LYS D 14 33.44 -5.76 10.15
N PRO D 15 33.48 -4.51 9.69
CA PRO D 15 32.35 -3.61 9.94
C PRO D 15 31.02 -4.23 9.54
N PHE D 16 30.02 -4.09 10.40
CA PHE D 16 28.75 -4.73 10.13
C PHE D 16 27.62 -3.86 10.66
N MET D 17 26.39 -4.28 10.37
CA MET D 17 25.15 -3.60 10.72
C MET D 17 24.25 -4.54 11.49
N PHE D 18 23.54 -4.01 12.47
CA PHE D 18 22.52 -4.78 13.17
C PHE D 18 21.23 -3.97 13.18
N LEU D 19 20.09 -4.68 13.22
CA LEU D 19 18.77 -4.07 13.22
C LEU D 19 17.95 -4.88 14.19
N ILE D 20 17.36 -4.23 15.18
CA ILE D 20 16.43 -4.90 16.06
C ILE D 20 15.04 -4.48 15.63
N TYR D 21 14.21 -5.44 15.28
CA TYR D 21 12.90 -5.13 14.74
C TYR D 21 11.84 -5.95 15.45
N HIS D 22 10.61 -5.45 15.34
CA HIS D 22 9.41 -6.07 15.90
C HIS D 22 8.74 -6.89 14.80
N LYS D 23 8.68 -8.22 15.00
CA LYS D 23 8.24 -9.10 13.92
C LYS D 23 6.79 -8.88 13.53
N PRO D 24 5.82 -8.82 14.47
CA PRO D 24 4.43 -8.59 14.06
C PRO D 24 4.22 -7.40 13.13
N THR D 25 4.89 -6.27 13.35
CA THR D 25 4.61 -5.05 12.59
C THR D 25 5.74 -4.63 11.67
N THR D 26 6.85 -5.38 11.62
CA THR D 26 8.04 -5.06 10.82
C THR D 26 8.51 -3.62 11.05
N THR D 27 8.74 -3.30 12.33
CA THR D 27 9.14 -1.97 12.80
C THR D 27 10.57 -2.05 13.34
N VAL D 28 11.48 -1.27 12.77
CA VAL D 28 12.86 -1.29 13.22
C VAL D 28 12.98 -0.45 14.50
N LEU D 29 13.16 -1.11 15.63
CA LEU D 29 13.20 -0.44 16.92
C LEU D 29 14.55 0.21 17.19
N PHE D 30 15.64 -0.50 16.89
CA PHE D 30 17.00 0.02 17.01
C PHE D 30 17.83 -0.53 15.87
N MET D 31 18.85 0.22 15.50
CA MET D 31 19.81 -0.24 14.53
C MET D 31 21.16 0.40 14.82
N GLY D 32 22.21 -0.14 14.24
CA GLY D 32 23.51 0.52 14.31
C GLY D 32 24.52 -0.19 13.43
N THR D 33 25.65 0.49 13.25
CA THR D 33 26.81 -0.09 12.59
C THR D 33 27.99 -0.13 13.56
N ILE D 34 28.74 -1.23 13.50
CA ILE D 34 29.90 -1.48 14.34
C ILE D 34 31.09 -1.50 13.40
N THR D 35 31.94 -0.47 13.45
CA THR D 35 33.10 -0.42 12.57
C THR D 35 34.44 -0.56 13.30
N LYS D 36 34.46 -0.69 14.62
CA LYS D 36 35.73 -0.60 15.32
C LYS D 36 35.59 -1.24 16.69
N GLY D 37 36.72 -1.67 17.24
CA GLY D 37 36.81 -2.14 18.61
C GLY D 37 37.33 -1.06 19.53
N GLU D 38 37.56 -1.45 20.80
CA GLU D 38 38.06 -0.52 21.80
C GLU D 38 39.56 -0.37 21.73
N LYS D 39 40.28 -1.50 21.76
CA LYS D 39 41.73 -1.50 21.83
C LYS D 39 42.33 -1.93 20.49
N VAL D 40 43.24 -1.09 19.98
CA VAL D 40 43.97 -1.38 18.75
C VAL D 40 45.02 -2.49 18.99
N ILE D 41 45.38 -3.15 17.89
CA ILE D 41 46.40 -4.19 17.86
C ILE D 41 47.43 -3.75 16.83
N TYR D 42 48.71 -3.95 17.12
CA TYR D 42 49.75 -3.55 16.20
C TYR D 42 50.54 -4.76 15.70
N ASP D 43 51.06 -4.63 14.48
CA ASP D 43 51.60 -5.74 13.73
C ASP D 43 53.10 -5.55 13.52
N THR D 44 53.85 -6.63 13.77
CA THR D 44 55.26 -6.90 13.36
C THR D 44 55.95 -7.60 14.51
N ASP E 17 -13.04 -3.57 3.30
CA ASP E 17 -13.36 -2.68 4.42
C ASP E 17 -14.72 -3.05 5.03
N ILE E 18 -15.81 -2.41 4.63
CA ILE E 18 -17.11 -2.77 5.23
C ILE E 18 -17.40 -4.24 5.05
N GLY E 19 -17.21 -4.75 3.83
CA GLY E 19 -17.46 -6.15 3.57
C GLY E 19 -16.67 -7.07 4.50
N LEU E 20 -15.38 -6.79 4.65
CA LEU E 20 -14.58 -7.69 5.46
C LEU E 20 -14.78 -7.44 6.95
N TRP E 21 -15.12 -6.21 7.34
CA TRP E 21 -15.39 -5.93 8.75
C TRP E 21 -16.75 -6.48 9.20
N THR E 22 -17.63 -6.81 8.26
CA THR E 22 -18.93 -7.36 8.64
C THR E 22 -18.78 -8.75 9.26
N PHE E 23 -17.72 -9.48 8.89
CA PHE E 23 -17.57 -10.84 9.40
C PHE E 23 -17.44 -10.83 10.93
N ARG E 24 -16.90 -9.75 11.49
CA ARG E 24 -16.73 -9.69 12.94
C ARG E 24 -18.07 -9.74 13.67
N TYR E 25 -19.17 -9.40 13.00
CA TYR E 25 -20.48 -9.39 13.63
C TYR E 25 -21.30 -10.63 13.33
N VAL E 26 -20.85 -11.47 12.42
CA VAL E 26 -21.52 -12.74 12.14
C VAL E 26 -20.72 -13.93 12.65
N TYR E 27 -19.48 -13.72 13.07
CA TYR E 27 -18.71 -14.81 13.66
C TYR E 27 -19.46 -15.38 14.86
N ASN E 28 -19.37 -16.70 14.96
CA ASN E 28 -20.01 -17.39 16.06
C ASN E 28 -19.02 -18.39 16.64
N GLU E 29 -18.67 -18.20 17.91
CA GLU E 29 -17.78 -19.14 18.58
C GLU E 29 -18.31 -20.56 18.58
N SER E 30 -19.63 -20.72 18.54
CA SER E 30 -20.28 -22.00 18.78
C SER E 30 -20.84 -22.63 17.51
N ASP E 31 -20.51 -22.10 16.34
CA ASP E 31 -21.04 -22.66 15.11
C ASP E 31 -20.02 -22.42 13.99
N ASN E 32 -20.33 -22.98 12.82
CA ASN E 32 -19.55 -22.78 11.61
C ASN E 32 -20.23 -21.70 10.79
N VAL E 33 -19.51 -20.64 10.47
CA VAL E 33 -20.07 -19.52 9.70
C VAL E 33 -19.25 -19.34 8.43
N VAL E 34 -19.94 -19.21 7.30
CA VAL E 34 -19.35 -18.86 6.00
C VAL E 34 -20.00 -17.56 5.51
N PHE E 35 -19.21 -16.76 4.79
CA PHE E 35 -19.55 -15.38 4.49
C PHE E 35 -18.84 -14.96 3.21
N SER E 36 -19.41 -14.00 2.48
CA SER E 36 -18.75 -13.44 1.30
C SER E 36 -18.55 -11.93 1.45
N PRO E 37 -17.37 -11.48 1.84
CA PRO E 37 -17.15 -10.03 1.81
C PRO E 37 -17.34 -9.44 0.44
N TYR E 38 -16.87 -10.12 -0.62
CA TYR E 38 -17.05 -9.58 -1.97
C TYR E 38 -18.52 -9.42 -2.33
N GLY E 39 -19.34 -10.45 -2.08
CA GLY E 39 -20.74 -10.37 -2.47
C GLY E 39 -21.48 -9.22 -1.80
N LEU E 40 -21.18 -8.97 -0.52
CA LEU E 40 -21.76 -7.83 0.16
C LEU E 40 -21.29 -6.53 -0.47
N THR E 41 -19.98 -6.37 -0.65
CA THR E 41 -19.44 -5.14 -1.22
C THR E 41 -20.06 -4.88 -2.59
N SER E 42 -20.19 -5.93 -3.42
CA SER E 42 -20.77 -5.74 -4.75
C SER E 42 -22.23 -5.31 -4.67
N ALA E 43 -22.98 -5.88 -3.72
CA ALA E 43 -24.36 -5.48 -3.51
C ALA E 43 -24.47 -4.02 -3.11
N LEU E 44 -23.68 -3.61 -2.11
CA LEU E 44 -23.61 -2.20 -1.72
C LEU E 44 -23.11 -1.32 -2.85
N SER E 45 -22.23 -1.83 -3.69
CA SER E 45 -21.73 -1.02 -4.79
C SER E 45 -22.87 -0.65 -5.75
N VAL E 46 -23.75 -1.60 -6.05
CA VAL E 46 -24.93 -1.30 -6.86
C VAL E 46 -25.87 -0.36 -6.11
N LEU E 47 -26.18 -0.68 -4.85
CA LEU E 47 -27.08 0.14 -4.05
C LEU E 47 -26.65 1.61 -4.02
N ARG E 48 -25.37 1.86 -4.27
CA ARG E 48 -24.79 3.18 -4.17
C ARG E 48 -25.15 4.06 -5.36
N ILE E 49 -25.30 3.47 -6.55
CA ILE E 49 -25.72 4.21 -7.73
C ILE E 49 -27.13 4.75 -7.59
N ALA E 50 -27.93 4.18 -6.70
CA ALA E 50 -29.30 4.64 -6.56
C ALA E 50 -29.46 5.69 -5.48
N ALA E 51 -28.52 5.78 -4.54
CA ALA E 51 -28.69 6.63 -3.38
C ALA E 51 -28.06 8.01 -3.61
N GLY E 52 -28.46 8.96 -2.77
CA GLY E 52 -27.89 10.28 -2.79
C GLY E 52 -27.79 10.84 -1.39
N GLY E 53 -27.02 11.93 -1.27
CA GLY E 53 -26.91 12.63 0.00
C GLY E 53 -26.19 11.82 1.04
N ASN E 54 -26.70 11.85 2.27
CA ASN E 54 -26.09 11.09 3.35
C ASN E 54 -26.25 9.60 3.12
N THR E 55 -27.40 9.19 2.57
CA THR E 55 -27.65 7.78 2.32
C THR E 55 -26.53 7.19 1.49
N LYS E 56 -26.17 7.85 0.38
CA LYS E 56 -25.09 7.32 -0.45
C LYS E 56 -23.74 7.44 0.25
N ARG E 57 -23.56 8.46 1.08
CA ARG E 57 -22.27 8.70 1.72
C ARG E 57 -21.95 7.63 2.76
N GLU E 58 -22.97 7.10 3.44
CA GLU E 58 -22.72 6.02 4.39
C GLU E 58 -22.44 4.67 3.73
N ILE E 59 -22.76 4.48 2.45
CA ILE E 59 -22.36 3.29 1.73
C ILE E 59 -20.90 3.48 1.28
N ASP E 60 -19.98 3.45 2.26
CA ASP E 60 -18.56 3.70 2.01
C ASP E 60 -17.97 2.46 1.36
N VAL E 61 -17.92 2.44 0.04
CA VAL E 61 -17.62 1.20 -0.64
C VAL E 61 -16.99 1.51 -2.00
N PRO E 62 -16.08 0.68 -2.49
CA PRO E 62 -15.56 0.90 -3.85
C PRO E 62 -16.71 1.03 -4.82
N GLU E 63 -16.64 2.07 -5.65
CA GLU E 63 -17.61 2.25 -6.71
C GLU E 63 -17.45 1.20 -7.80
N SER E 64 -16.32 0.52 -7.83
CA SER E 64 -16.10 -0.59 -8.74
C SER E 64 -15.59 -1.77 -7.94
N VAL E 65 -16.19 -2.90 -8.16
CA VAL E 65 -15.66 -4.14 -7.61
C VAL E 65 -14.89 -4.83 -8.71
N VAL E 66 -13.81 -5.51 -8.32
CA VAL E 66 -13.03 -6.30 -9.27
C VAL E 66 -13.90 -7.39 -9.88
N GLU E 67 -13.67 -7.68 -11.16
CA GLU E 67 -14.26 -8.81 -11.83
C GLU E 67 -13.17 -9.53 -12.62
N ASP E 68 -13.11 -10.85 -12.48
CA ASP E 68 -12.30 -11.73 -13.31
C ASP E 68 -13.19 -12.92 -13.60
N SER E 69 -13.59 -13.10 -14.85
CA SER E 69 -14.56 -14.15 -15.09
C SER E 69 -13.92 -15.54 -15.10
N ASP E 70 -12.61 -15.60 -15.26
CA ASP E 70 -11.96 -16.91 -15.24
C ASP E 70 -11.79 -17.44 -13.82
N ALA E 71 -11.55 -16.56 -12.85
CA ALA E 71 -11.35 -17.02 -11.47
C ALA E 71 -12.67 -17.32 -10.76
N PHE E 72 -13.72 -16.57 -11.07
CA PHE E 72 -15.01 -16.74 -10.40
C PHE E 72 -16.08 -16.03 -11.19
N LEU E 73 -17.32 -16.41 -10.93
CA LEU E 73 -18.51 -15.85 -11.57
C LEU E 73 -19.20 -14.92 -10.59
N ALA E 74 -19.45 -13.67 -11.02
CA ALA E 74 -20.12 -12.66 -10.21
C ALA E 74 -21.29 -12.11 -11.01
N LEU E 75 -22.33 -11.73 -10.30
CA LEU E 75 -23.60 -11.40 -10.93
C LEU E 75 -24.26 -10.29 -10.13
N ARG E 76 -24.80 -9.30 -10.83
CA ARG E 76 -25.38 -8.14 -10.17
C ARG E 76 -26.67 -7.75 -10.89
N GLU E 77 -27.80 -7.85 -10.19
CA GLU E 77 -29.08 -7.55 -10.80
C GLU E 77 -29.91 -6.69 -9.87
N LEU E 78 -30.74 -5.82 -10.47
CA LEU E 78 -31.70 -5.01 -9.73
C LEU E 78 -33.10 -5.20 -10.30
N PHE E 79 -34.03 -5.58 -9.43
CA PHE E 79 -35.43 -5.87 -9.79
C PHE E 79 -36.30 -4.84 -9.07
N VAL E 80 -36.89 -3.92 -9.83
CA VAL E 80 -37.68 -2.85 -9.25
C VAL E 80 -39.14 -3.11 -9.62
N ASP E 81 -40.06 -2.85 -8.68
CA ASP E 81 -41.48 -3.07 -8.93
C ASP E 81 -41.95 -2.17 -10.08
N ALA E 82 -42.77 -2.73 -10.99
CA ALA E 82 -43.21 -1.99 -12.17
C ALA E 82 -44.07 -0.78 -11.84
N SER E 83 -44.53 -0.67 -10.58
CA SER E 83 -45.23 0.53 -10.12
C SER E 83 -44.30 1.71 -9.99
N VAL E 84 -43.03 1.48 -9.67
CA VAL E 84 -42.11 2.54 -9.26
C VAL E 84 -41.62 3.31 -10.47
N PRO E 85 -41.83 4.62 -10.52
CA PRO E 85 -41.24 5.43 -11.60
C PRO E 85 -39.73 5.52 -11.42
N LEU E 86 -38.99 5.22 -12.47
CA LEU E 86 -37.54 5.33 -12.45
C LEU E 86 -37.10 6.48 -13.36
N ARG E 87 -36.09 7.20 -12.91
CA ARG E 87 -35.52 8.25 -13.74
C ARG E 87 -34.93 7.63 -15.02
N PRO E 88 -35.02 8.32 -16.17
CA PRO E 88 -34.39 7.78 -17.37
C PRO E 88 -32.89 7.78 -17.24
N GLU E 89 -32.36 8.75 -16.50
CA GLU E 89 -30.93 8.79 -16.27
C GLU E 89 -30.54 7.68 -15.31
N PHE E 90 -31.49 7.06 -14.59
CA PHE E 90 -31.14 5.96 -13.69
C PHE E 90 -31.18 4.57 -14.34
N THR E 91 -32.13 4.29 -15.25
CA THR E 91 -32.08 2.96 -15.87
C THR E 91 -30.95 2.90 -16.90
N ALA E 92 -30.62 4.05 -17.49
CA ALA E 92 -29.57 4.11 -18.50
C ALA E 92 -28.16 3.79 -17.98
N GLU E 93 -27.66 4.51 -16.97
CA GLU E 93 -26.29 4.20 -16.52
C GLU E 93 -26.20 2.79 -15.95
N PHE E 94 -27.29 2.29 -15.36
CA PHE E 94 -27.23 0.97 -14.75
C PHE E 94 -26.74 -0.06 -15.74
N SER E 95 -27.26 -0.03 -16.98
CA SER E 95 -26.75 -0.92 -18.01
C SER E 95 -25.35 -0.51 -18.43
N SER E 96 -25.06 0.79 -18.37
CA SER E 96 -23.75 1.30 -18.74
C SER E 96 -22.68 0.84 -17.75
N ARG E 97 -23.04 0.65 -16.49
CA ARG E 97 -22.07 0.27 -15.49
C ARG E 97 -22.07 -1.22 -15.17
N PHE E 98 -23.19 -1.91 -15.36
CA PHE E 98 -23.29 -3.29 -14.93
C PHE E 98 -23.68 -4.25 -16.06
N ASN E 99 -23.63 -3.81 -17.32
CA ASN E 99 -23.89 -4.67 -18.49
C ASN E 99 -25.20 -5.44 -18.36
N THR E 100 -26.22 -4.79 -17.80
CA THR E 100 -27.50 -5.44 -17.58
C THR E 100 -28.53 -4.35 -17.30
N SER E 101 -29.80 -4.64 -17.59
CA SER E 101 -30.84 -3.65 -17.44
C SER E 101 -31.64 -3.91 -16.17
N VAL E 102 -32.10 -2.81 -15.56
CA VAL E 102 -33.00 -2.95 -14.42
C VAL E 102 -34.19 -3.78 -14.87
N GLN E 103 -34.57 -4.76 -14.07
CA GLN E 103 -35.58 -5.72 -14.45
C GLN E 103 -36.90 -5.34 -13.79
N ARG E 104 -37.87 -4.94 -14.60
CA ARG E 104 -39.20 -4.58 -14.11
C ARG E 104 -40.02 -5.82 -13.79
N VAL E 105 -40.69 -5.74 -12.65
CA VAL E 105 -41.34 -6.89 -12.04
C VAL E 105 -42.49 -6.32 -11.21
N THR E 106 -43.51 -7.13 -10.95
CA THR E 106 -44.58 -6.72 -10.04
C THR E 106 -44.43 -7.62 -8.83
N PHE E 107 -44.01 -7.07 -7.70
CA PHE E 107 -43.61 -7.98 -6.63
C PHE E 107 -44.70 -8.75 -5.94
N SER E 109 -47.39 -9.78 -8.98
CA SER E 109 -48.41 -10.80 -9.17
C SER E 109 -48.02 -12.18 -8.61
N GLU E 110 -48.73 -13.20 -9.08
CA GLU E 110 -48.47 -14.59 -8.75
C GLU E 110 -47.20 -15.11 -9.40
N ASN E 111 -46.56 -14.23 -10.17
CA ASN E 111 -45.61 -14.54 -11.23
C ASN E 111 -44.22 -13.99 -10.91
N VAL E 112 -44.01 -13.54 -9.68
CA VAL E 112 -42.84 -12.74 -9.32
C VAL E 112 -41.65 -13.61 -8.98
N LYS E 113 -41.82 -14.57 -8.10
CA LYS E 113 -40.74 -15.47 -7.75
C LYS E 113 -40.40 -16.43 -8.89
N ASP E 114 -40.95 -16.21 -10.08
CA ASP E 114 -40.76 -17.16 -11.17
C ASP E 114 -39.61 -16.69 -12.04
N VAL E 115 -39.76 -15.52 -12.69
CA VAL E 115 -38.65 -14.99 -13.48
C VAL E 115 -37.41 -14.84 -12.61
N ILE E 116 -37.60 -14.28 -11.42
CA ILE E 116 -36.51 -14.06 -10.48
C ILE E 116 -35.70 -15.33 -10.28
N ASN E 117 -36.34 -16.49 -10.34
CA ASN E 117 -35.60 -17.73 -10.14
C ASN E 117 -34.98 -18.26 -11.42
N SER E 118 -35.62 -18.02 -12.56
CA SER E 118 -35.20 -18.56 -13.83
C SER E 118 -34.31 -17.59 -14.59
N TYR E 119 -34.69 -16.31 -14.61
CA TYR E 119 -33.84 -15.26 -15.19
C TYR E 119 -32.43 -15.30 -14.62
N VAL E 120 -32.26 -15.79 -13.38
CA VAL E 120 -30.93 -15.79 -12.75
C VAL E 120 -30.18 -17.12 -12.87
N LYS E 121 -30.88 -18.25 -13.01
CA LYS E 121 -30.17 -19.51 -13.05
C LYS E 121 -29.69 -19.87 -14.44
N ASP E 122 -30.13 -19.12 -15.47
CA ASP E 122 -29.37 -19.18 -16.72
C ASP E 122 -27.98 -18.58 -16.55
N LYS E 123 -27.68 -18.02 -15.37
CA LYS E 123 -26.35 -17.57 -14.91
C LYS E 123 -25.52 -16.96 -16.04
N ALA E 134 -39.11 -16.48 0.89
CA ALA E 134 -37.74 -16.46 1.42
C ALA E 134 -37.51 -15.07 1.99
N SER E 135 -37.00 -14.15 1.17
CA SER E 135 -36.73 -12.79 1.62
C SER E 135 -37.58 -11.78 0.86
N LEU E 136 -38.43 -12.22 -0.05
CA LEU E 136 -39.31 -11.28 -0.75
C LEU E 136 -40.60 -11.19 0.03
N ASP E 137 -40.73 -10.14 0.83
CA ASP E 137 -42.02 -9.82 1.41
C ASP E 137 -42.84 -9.16 0.31
N ARG E 138 -44.09 -8.81 0.62
CA ARG E 138 -44.98 -8.29 -0.43
C ARG E 138 -45.26 -6.81 -0.26
N ASP E 139 -44.33 -6.09 0.34
CA ASP E 139 -44.23 -4.68 0.05
C ASP E 139 -42.94 -4.37 -0.67
N THR E 140 -42.17 -5.40 -0.96
CA THR E 140 -40.93 -5.28 -1.70
C THR E 140 -41.15 -4.44 -2.93
N LYS E 141 -40.39 -3.36 -3.04
CA LYS E 141 -40.43 -2.51 -4.21
C LYS E 141 -39.15 -2.58 -5.03
N MET E 142 -38.10 -3.20 -4.51
CA MET E 142 -36.84 -3.37 -5.23
C MET E 142 -36.18 -4.60 -4.63
N LEU E 143 -35.49 -5.38 -5.47
CA LEU E 143 -34.66 -6.47 -4.99
C LEU E 143 -33.28 -6.30 -5.60
N LEU E 144 -32.27 -6.12 -4.76
CA LEU E 144 -30.91 -5.98 -5.22
C LEU E 144 -30.18 -7.26 -4.89
N LEU E 145 -29.64 -7.91 -5.92
CA LEU E 145 -29.13 -9.26 -5.79
C LEU E 145 -27.70 -9.31 -6.31
N SER E 146 -26.80 -9.78 -5.46
CA SER E 146 -25.40 -9.95 -5.80
C SER E 146 -25.06 -11.41 -5.55
N SER E 147 -24.66 -12.12 -6.61
CA SER E 147 -24.36 -13.55 -6.53
C SER E 147 -22.91 -13.84 -6.91
N VAL E 148 -22.23 -14.66 -6.12
CA VAL E 148 -20.84 -15.05 -6.37
C VAL E 148 -20.75 -16.58 -6.34
N ARG E 149 -20.13 -17.17 -7.36
CA ARG E 149 -19.88 -18.61 -7.40
C ARG E 149 -18.47 -18.94 -7.88
N MET E 150 -17.88 -19.94 -7.24
CA MET E 150 -16.54 -20.40 -7.55
C MET E 150 -16.53 -21.90 -7.36
N LYS E 151 -16.03 -22.62 -8.35
CA LYS E 151 -15.80 -24.06 -8.26
C LYS E 151 -14.47 -24.33 -8.91
N THR E 152 -13.53 -24.85 -8.12
CA THR E 152 -12.17 -25.03 -8.59
C THR E 152 -11.53 -26.18 -7.85
N SER E 153 -10.73 -26.97 -8.56
CA SER E 153 -9.93 -27.97 -7.89
C SER E 153 -8.66 -27.33 -7.32
N TRP E 154 -8.06 -28.03 -6.36
CA TRP E 154 -6.77 -27.63 -5.83
C TRP E 154 -5.71 -27.73 -6.93
N ARG E 155 -4.61 -26.98 -6.75
CA ARG E 155 -3.49 -27.22 -7.66
C ARG E 155 -2.95 -28.63 -7.46
N HIS E 156 -2.82 -29.04 -6.20
CA HIS E 156 -2.43 -30.41 -5.85
C HIS E 156 -3.50 -30.97 -4.93
N VAL E 157 -4.31 -31.87 -5.46
CA VAL E 157 -5.43 -32.45 -4.72
C VAL E 157 -4.92 -33.32 -3.58
N PHE E 158 -5.80 -33.58 -2.61
CA PHE E 158 -5.51 -34.59 -1.62
C PHE E 158 -5.89 -35.95 -2.18
N ASP E 159 -5.31 -36.99 -1.60
CA ASP E 159 -5.71 -38.35 -1.96
C ASP E 159 -6.82 -38.82 -1.04
N PRO E 160 -8.02 -39.07 -1.55
CA PRO E 160 -9.12 -39.47 -0.66
C PRO E 160 -8.84 -40.75 0.12
N SER E 161 -8.05 -41.69 -0.42
CA SER E 161 -7.79 -42.94 0.31
C SER E 161 -7.02 -42.72 1.60
N PHE E 162 -6.44 -41.54 1.81
CA PHE E 162 -5.72 -41.23 3.05
C PHE E 162 -6.52 -40.33 3.99
N THR E 163 -7.74 -39.98 3.62
CA THR E 163 -8.60 -39.25 4.54
C THR E 163 -9.07 -40.20 5.64
N THR E 164 -8.93 -39.79 6.89
CA THR E 164 -9.27 -40.67 7.99
C THR E 164 -10.10 -39.94 9.03
N ASP E 165 -10.88 -40.71 9.79
CA ASP E 165 -11.61 -40.15 10.92
C ASP E 165 -10.60 -39.70 11.96
N GLN E 166 -10.71 -38.45 12.38
CA GLN E 166 -9.76 -37.90 13.33
C GLN E 166 -10.52 -36.99 14.28
N PRO E 167 -9.99 -36.79 15.48
CA PRO E 167 -10.66 -35.91 16.44
C PRO E 167 -10.54 -34.45 16.06
N PHE E 168 -11.53 -33.66 16.47
CA PHE E 168 -11.55 -32.20 16.31
C PHE E 168 -11.92 -31.60 17.66
N TYR E 169 -11.01 -30.78 18.23
CA TYR E 169 -11.11 -30.31 19.62
C TYR E 169 -11.54 -28.85 19.67
N SER E 170 -12.81 -28.61 19.98
CA SER E 170 -13.35 -27.26 20.12
C SER E 170 -13.65 -26.98 21.59
N GLY E 171 -12.69 -26.41 22.31
CA GLY E 171 -12.93 -26.11 23.70
C GLY E 171 -13.21 -27.33 24.54
N ASN E 172 -14.46 -27.51 25.00
CA ASN E 172 -14.76 -28.67 25.83
C ASN E 172 -15.32 -29.84 25.03
N VAL E 173 -15.94 -29.59 23.88
CA VAL E 173 -16.45 -30.69 23.07
C VAL E 173 -15.34 -31.27 22.20
N THR E 174 -15.46 -32.56 21.90
CA THR E 174 -14.61 -33.23 20.93
C THR E 174 -15.50 -33.82 19.84
N TYR E 175 -15.06 -33.69 18.59
CA TYR E 175 -15.83 -34.12 17.44
C TYR E 175 -14.98 -35.04 16.61
N LYS E 176 -15.63 -35.80 15.73
CA LYS E 176 -14.97 -36.71 14.82
C LYS E 176 -15.20 -36.19 13.41
N VAL E 177 -14.12 -35.82 12.75
CA VAL E 177 -14.18 -35.20 11.42
C VAL E 177 -13.45 -36.09 10.44
N ARG E 178 -13.76 -35.87 9.18
CA ARG E 178 -13.06 -36.47 8.05
C ARG E 178 -11.85 -35.59 7.74
N MET E 179 -10.67 -36.10 8.02
CA MET E 179 -9.45 -35.31 8.00
C MET E 179 -8.63 -35.66 6.77
N MET E 180 -8.44 -34.68 5.89
CA MET E 180 -7.58 -34.86 4.73
C MET E 180 -6.13 -34.72 5.18
N ASN E 181 -5.22 -35.34 4.42
CA ASN E 181 -3.81 -35.44 4.82
C ASN E 181 -2.98 -35.49 3.55
N LYS E 182 -2.08 -34.54 3.37
CA LYS E 182 -1.23 -34.60 2.19
C LYS E 182 0.07 -33.92 2.54
N ILE E 183 1.09 -34.19 1.73
CA ILE E 183 2.33 -33.44 1.75
C ILE E 183 2.42 -32.63 0.46
N ASP E 184 2.82 -31.38 0.60
CA ASP E 184 2.75 -30.45 -0.51
C ASP E 184 3.76 -29.35 -0.18
N THR E 185 4.19 -28.64 -1.21
CA THR E 185 5.09 -27.50 -1.04
C THR E 185 4.25 -26.23 -1.11
N LEU E 186 4.27 -25.42 -0.05
CA LEU E 186 3.29 -24.33 0.07
C LEU E 186 3.85 -23.15 0.81
N LYS E 187 3.32 -21.97 0.51
CA LYS E 187 3.70 -20.81 1.31
C LYS E 187 3.02 -20.92 2.65
N THR E 188 3.78 -20.66 3.72
CA THR E 188 3.29 -20.75 5.08
C THR E 188 4.21 -19.95 5.97
N GLU E 189 3.76 -19.69 7.21
CA GLU E 189 4.52 -19.02 8.26
C GLU E 189 3.71 -18.96 9.55
N THR E 190 4.42 -18.82 10.67
CA THR E 190 3.84 -18.59 11.98
C THR E 190 3.95 -17.11 12.33
N PHE E 191 3.04 -16.68 13.22
CA PHE E 191 2.83 -15.28 13.55
C PHE E 191 2.40 -15.16 15.01
N THR E 192 2.29 -13.93 15.48
CA THR E 192 1.68 -13.69 16.78
C THR E 192 0.76 -12.49 16.69
N LEU E 193 -0.25 -12.50 17.56
CA LEU E 193 -1.07 -11.31 17.79
C LEU E 193 -1.25 -11.20 19.30
N ARG E 194 -0.55 -10.25 19.90
CA ARG E 194 -0.65 -10.06 21.35
C ARG E 194 -0.50 -11.40 22.06
N ASN E 195 0.48 -12.19 21.60
CA ASN E 195 0.97 -13.37 22.29
C ASN E 195 0.07 -14.58 22.20
N VAL E 196 -0.77 -14.70 21.17
CA VAL E 196 -1.54 -15.94 21.11
C VAL E 196 -0.97 -16.91 20.08
N GLY E 197 -0.38 -16.41 19.01
CA GLY E 197 0.29 -17.32 18.09
C GLY E 197 -0.58 -18.16 17.18
N TYR E 198 -0.19 -18.24 15.91
CA TYR E 198 -0.97 -18.92 14.88
C TYR E 198 -0.13 -19.03 13.62
N SER E 199 -0.62 -19.80 12.65
CA SER E 199 0.02 -19.94 11.35
C SER E 199 -0.95 -19.55 10.25
N VAL E 200 -0.40 -19.25 9.09
CA VAL E 200 -1.19 -18.98 7.89
C VAL E 200 -0.56 -19.73 6.73
N THR E 201 -1.38 -20.43 5.94
CA THR E 201 -0.89 -21.31 4.89
C THR E 201 -1.76 -21.11 3.66
N GLU E 202 -1.12 -21.01 2.50
CA GLU E 202 -1.82 -20.75 1.25
C GLU E 202 -2.03 -22.02 0.45
N LEU E 203 -3.29 -22.40 0.26
CA LEU E 203 -3.59 -23.53 -0.60
C LEU E 203 -4.05 -22.99 -1.95
N PRO E 204 -3.21 -22.99 -2.98
CA PRO E 204 -3.61 -22.43 -4.27
C PRO E 204 -4.52 -23.36 -5.05
N TYR E 205 -5.38 -22.75 -5.88
CA TYR E 205 -6.26 -23.51 -6.75
C TYR E 205 -5.59 -23.75 -8.10
N LYS E 206 -6.24 -24.56 -8.95
CA LYS E 206 -5.69 -25.03 -10.22
C LYS E 206 -5.06 -23.94 -11.06
N ARG E 207 -5.84 -23.01 -11.60
CA ARG E 207 -5.23 -21.84 -12.21
C ARG E 207 -5.10 -20.78 -11.14
N ARG E 208 -3.87 -20.37 -10.89
CA ARG E 208 -3.51 -19.73 -9.63
C ARG E 208 -3.79 -18.22 -9.74
N GLN E 209 -5.06 -17.89 -9.81
CA GLN E 209 -5.42 -16.52 -9.58
C GLN E 209 -6.25 -16.36 -8.32
N THR E 210 -6.82 -17.45 -7.82
CA THR E 210 -7.44 -17.51 -6.50
C THR E 210 -6.71 -18.52 -5.63
N ALA E 211 -6.86 -18.36 -4.32
CA ALA E 211 -6.31 -19.35 -3.39
C ALA E 211 -7.06 -19.26 -2.07
N MET E 212 -6.88 -20.30 -1.26
CA MET E 212 -7.39 -20.35 0.10
C MET E 212 -6.24 -20.16 1.09
N LEU E 213 -6.40 -19.19 1.98
CA LEU E 213 -5.55 -19.02 3.14
C LEU E 213 -6.15 -19.82 4.29
N LEU E 214 -5.34 -20.66 4.94
CA LEU E 214 -5.78 -21.42 6.09
C LEU E 214 -5.12 -20.83 7.34
N VAL E 215 -5.94 -20.40 8.30
CA VAL E 215 -5.48 -19.73 9.52
C VAL E 215 -5.77 -20.67 10.70
N VAL E 216 -4.73 -21.18 11.33
CA VAL E 216 -4.91 -22.11 12.44
C VAL E 216 -4.40 -21.43 13.70
N PRO E 217 -5.29 -20.92 14.55
CA PRO E 217 -4.82 -20.14 15.68
C PRO E 217 -5.00 -20.83 17.02
N ASP E 218 -4.21 -20.39 18.00
CA ASP E 218 -4.47 -20.79 19.37
C ASP E 218 -5.66 -20.05 19.96
N ASP E 219 -6.11 -18.96 19.33
CA ASP E 219 -7.33 -18.28 19.76
C ASP E 219 -8.00 -17.69 18.52
N LEU E 220 -9.06 -18.33 18.05
CA LEU E 220 -9.71 -17.90 16.82
C LEU E 220 -10.35 -16.51 16.99
N GLY E 221 -11.04 -16.29 18.10
CA GLY E 221 -11.70 -15.02 18.31
C GLY E 221 -10.77 -13.82 18.25
N GLU E 222 -9.52 -14.01 18.66
CA GLU E 222 -8.54 -12.95 18.50
C GLU E 222 -8.29 -12.66 17.02
N ILE E 223 -8.16 -13.72 16.21
CA ILE E 223 -7.95 -13.51 14.79
C ILE E 223 -9.15 -12.80 14.18
N VAL E 224 -10.36 -13.22 14.56
CA VAL E 224 -11.55 -12.60 13.99
C VAL E 224 -11.55 -11.10 14.27
N ARG E 225 -11.30 -10.72 15.53
CA ARG E 225 -11.38 -9.32 15.93
C ARG E 225 -10.28 -8.46 15.34
N ALA E 226 -9.24 -9.07 14.78
CA ALA E 226 -8.13 -8.31 14.22
C ALA E 226 -8.14 -8.27 12.71
N LEU E 227 -8.96 -9.09 12.06
CA LEU E 227 -8.87 -9.24 10.62
C LEU E 227 -9.21 -7.93 9.92
N ASP E 228 -8.32 -7.52 9.03
CA ASP E 228 -8.55 -6.44 8.08
C ASP E 228 -7.55 -6.63 6.94
N LEU E 229 -7.68 -5.81 5.91
CA LEU E 229 -6.93 -6.08 4.69
C LEU E 229 -5.44 -5.90 4.90
N SER E 230 -5.06 -4.96 5.77
CA SER E 230 -3.65 -4.81 6.12
C SER E 230 -3.12 -6.11 6.75
N LEU E 231 -3.88 -6.68 7.70
CA LEU E 231 -3.47 -7.95 8.29
C LEU E 231 -3.36 -9.03 7.24
N VAL E 232 -4.30 -9.06 6.27
CA VAL E 232 -4.22 -10.06 5.20
C VAL E 232 -2.99 -9.85 4.33
N ARG E 233 -2.75 -8.59 3.90
CA ARG E 233 -1.62 -8.32 3.03
C ARG E 233 -0.30 -8.62 3.72
N PHE E 234 -0.22 -8.33 5.02
CA PHE E 234 0.95 -8.70 5.81
C PHE E 234 1.20 -10.20 5.71
N TRP E 235 0.17 -11.01 5.95
CA TRP E 235 0.28 -12.47 5.79
C TRP E 235 0.88 -12.84 4.43
N ILE E 236 0.33 -12.26 3.35
CA ILE E 236 0.76 -12.64 2.00
C ILE E 236 2.22 -12.27 1.79
N ARG E 237 2.67 -11.20 2.44
CA ARG E 237 4.02 -10.71 2.31
C ARG E 237 5.02 -11.63 3.01
N ASN E 238 4.66 -12.12 4.19
CA ASN E 238 5.57 -12.84 5.05
C ASN E 238 5.50 -14.37 4.90
N MET E 239 4.62 -14.93 4.09
CA MET E 239 4.67 -16.38 3.93
C MET E 239 5.83 -16.77 3.01
N ARG E 240 6.26 -18.05 3.10
CA ARG E 240 7.35 -18.58 2.27
C ARG E 240 7.06 -20.03 1.87
N LYS E 241 7.52 -20.40 0.66
CA LYS E 241 7.47 -21.80 0.25
C LYS E 241 8.24 -22.66 1.25
N ASP E 242 7.76 -23.88 1.42
CA ASP E 242 8.33 -24.81 2.39
C ASP E 242 7.57 -26.12 2.15
N VAL E 243 8.20 -27.24 2.47
CA VAL E 243 7.55 -28.53 2.29
C VAL E 243 6.79 -28.76 3.57
N CYS E 244 5.46 -28.85 3.47
CA CYS E 244 4.65 -29.04 4.66
C CYS E 244 3.50 -30.03 4.49
N GLN E 245 3.14 -30.62 5.62
CA GLN E 245 2.06 -31.59 5.73
C GLN E 245 0.81 -30.78 6.07
N VAL E 246 -0.22 -30.89 5.25
CA VAL E 246 -1.49 -30.23 5.53
C VAL E 246 -2.47 -31.27 6.01
N VAL E 247 -2.93 -31.11 7.26
CA VAL E 247 -3.92 -31.97 7.88
C VAL E 247 -5.12 -31.08 8.18
N MET E 248 -6.15 -31.12 7.33
CA MET E 248 -7.30 -30.26 7.53
C MET E 248 -8.56 -31.03 7.18
N PRO E 249 -9.67 -30.71 7.84
CA PRO E 249 -10.92 -31.43 7.61
C PRO E 249 -11.62 -31.08 6.30
N LYS E 250 -12.26 -32.09 5.70
CA LYS E 250 -13.34 -31.82 4.76
C LYS E 250 -14.41 -31.04 5.49
N PHE E 251 -15.07 -30.10 4.81
CA PHE E 251 -16.15 -29.40 5.49
C PHE E 251 -17.18 -28.91 4.50
N SER E 252 -18.41 -28.81 4.99
CA SER E 252 -19.55 -28.31 4.23
C SER E 252 -20.36 -27.44 5.17
N VAL E 253 -20.52 -26.17 4.80
CA VAL E 253 -21.20 -25.22 5.67
C VAL E 253 -22.11 -24.35 4.81
N GLU E 254 -23.34 -24.16 5.30
CA GLU E 254 -24.25 -23.22 4.69
C GLU E 254 -24.70 -22.26 5.78
N SER E 255 -24.76 -20.97 5.43
CA SER E 255 -25.03 -19.92 6.38
C SER E 255 -26.05 -18.97 5.79
N VAL E 256 -27.07 -18.63 6.57
CA VAL E 256 -28.05 -17.63 6.19
C VAL E 256 -27.94 -16.50 7.19
N LEU E 257 -27.49 -15.35 6.74
CA LEU E 257 -27.15 -14.25 7.65
C LEU E 257 -28.00 -13.03 7.37
N ASP E 258 -28.43 -12.39 8.44
CA ASP E 258 -29.10 -11.11 8.41
C ASP E 258 -28.05 -10.07 8.78
N LEU E 259 -27.72 -9.20 7.82
CA LEU E 259 -26.60 -8.27 7.97
C LEU E 259 -27.06 -6.86 8.30
N ARG E 260 -28.35 -6.66 8.55
CA ARG E 260 -28.83 -5.32 8.83
C ARG E 260 -28.12 -4.73 10.05
N ASP E 261 -28.08 -5.49 11.15
CA ASP E 261 -27.47 -4.95 12.36
C ASP E 261 -25.99 -4.64 12.14
N ALA E 262 -25.25 -5.54 11.50
CA ALA E 262 -23.83 -5.31 11.24
C ALA E 262 -23.63 -4.05 10.41
N LEU E 263 -24.43 -3.89 9.36
CA LEU E 263 -24.23 -2.75 8.49
C LEU E 263 -24.57 -1.45 9.21
N GLN E 264 -25.57 -1.50 10.09
CA GLN E 264 -25.89 -0.32 10.87
C GLN E 264 -24.78 0.00 11.84
N ARG E 265 -24.29 -1.00 12.58
CA ARG E 265 -23.15 -0.77 13.46
C ARG E 265 -21.92 -0.28 12.69
N LEU E 266 -21.86 -0.52 11.38
CA LEU E 266 -20.76 -0.04 10.55
C LEU E 266 -21.05 1.27 9.87
N GLY E 267 -22.11 1.97 10.27
CA GLY E 267 -22.38 3.30 9.77
C GLY E 267 -23.38 3.41 8.65
N VAL E 268 -23.94 2.30 8.16
CA VAL E 268 -24.95 2.35 7.11
C VAL E 268 -26.31 2.40 7.81
N ARG E 269 -26.82 3.62 8.00
CA ARG E 269 -28.04 3.81 8.77
C ARG E 269 -29.19 4.42 7.97
N ASP E 270 -28.93 5.41 7.13
CA ASP E 270 -30.05 6.07 6.47
C ASP E 270 -30.75 5.14 5.49
N ALA E 271 -30.02 4.26 4.80
CA ALA E 271 -30.66 3.37 3.84
C ALA E 271 -31.76 2.52 4.49
N PHE E 272 -31.64 2.25 5.79
CA PHE E 272 -32.66 1.44 6.45
C PHE E 272 -33.78 2.25 7.06
N ASP E 273 -33.64 3.58 7.17
CA ASP E 273 -34.70 4.34 7.82
C ASP E 273 -35.59 5.04 6.80
N PRO E 274 -36.90 4.75 6.89
CA PRO E 274 -37.85 5.24 5.87
C PRO E 274 -37.97 6.76 5.79
N SER E 275 -37.83 7.48 6.91
CA SER E 275 -38.01 8.93 6.89
C SER E 275 -36.84 9.66 6.22
N ARG E 276 -35.60 9.17 6.37
CA ARG E 276 -34.42 9.87 5.83
C ARG E 276 -33.62 8.94 4.91
N ALA E 277 -34.25 8.38 3.89
CA ALA E 277 -33.55 7.49 2.94
C ALA E 277 -33.61 8.15 1.57
N ASP E 278 -32.48 8.69 1.12
CA ASP E 278 -32.44 9.37 -0.17
C ASP E 278 -32.05 8.36 -1.25
N PHE E 279 -33.05 7.79 -1.92
CA PHE E 279 -32.85 7.06 -3.16
C PHE E 279 -33.46 7.80 -4.34
N GLY E 280 -33.48 9.14 -4.26
CA GLY E 280 -34.08 9.94 -5.30
C GLY E 280 -33.37 9.85 -6.63
N GLN E 281 -32.13 9.39 -6.63
CA GLN E 281 -31.36 9.23 -7.86
C GLN E 281 -31.86 8.05 -8.67
N ALA E 282 -32.60 7.15 -8.04
CA ALA E 282 -33.24 6.02 -8.68
C ALA E 282 -34.67 6.39 -9.11
N SER E 283 -35.43 7.01 -8.20
CA SER E 283 -36.84 7.26 -8.43
C SER E 283 -37.19 8.66 -7.95
N PRO E 284 -37.90 9.44 -8.76
CA PRO E 284 -38.46 10.69 -8.21
C PRO E 284 -39.43 10.46 -7.05
N SER E 285 -40.01 9.28 -6.98
CA SER E 285 -40.87 8.91 -5.86
C SER E 285 -40.01 8.71 -4.61
N ASN E 286 -40.66 8.19 -3.59
CA ASN E 286 -40.05 7.95 -2.30
C ASN E 286 -40.51 6.62 -1.80
N ASP E 287 -40.73 5.67 -2.68
CA ASP E 287 -41.34 4.47 -2.16
C ASP E 287 -40.24 3.39 -2.23
N LEU E 288 -38.99 3.85 -2.12
CA LEU E 288 -37.81 3.00 -2.05
C LEU E 288 -37.09 3.23 -0.73
N TYR E 289 -36.79 2.16 -0.01
CA TYR E 289 -35.78 2.15 1.04
C TYR E 289 -35.43 0.70 1.33
N VAL E 290 -34.37 0.52 2.12
CA VAL E 290 -33.87 -0.81 2.45
C VAL E 290 -34.51 -1.29 3.74
N THR E 291 -35.05 -2.49 3.70
CA THR E 291 -35.59 -3.14 4.86
C THR E 291 -34.71 -4.26 5.36
N LYS E 292 -34.11 -5.02 4.43
CA LYS E 292 -33.40 -6.24 4.76
C LYS E 292 -32.16 -6.41 3.89
N VAL E 293 -31.10 -6.92 4.52
CA VAL E 293 -29.95 -7.53 3.85
C VAL E 293 -29.74 -8.92 4.37
N LEU E 294 -29.99 -9.89 3.50
CA LEU E 294 -29.79 -11.30 3.80
C LEU E 294 -28.76 -11.83 2.83
N GLN E 295 -27.83 -12.61 3.36
CA GLN E 295 -26.82 -13.29 2.57
C GLN E 295 -26.88 -14.75 2.93
N THR E 296 -27.06 -15.61 1.93
CA THR E 296 -26.90 -17.05 2.12
C THR E 296 -25.72 -17.53 1.30
N SER E 297 -24.79 -18.20 1.96
CA SER E 297 -23.57 -18.65 1.33
C SER E 297 -23.38 -20.12 1.63
N LYS E 298 -22.65 -20.81 0.76
CA LYS E 298 -22.34 -22.21 1.02
C LYS E 298 -20.94 -22.50 0.53
N ILE E 299 -20.16 -23.21 1.35
CA ILE E 299 -18.81 -23.59 0.99
C ILE E 299 -18.58 -25.03 1.33
N GLU E 300 -17.96 -25.76 0.43
CA GLU E 300 -17.56 -27.09 0.82
C GLU E 300 -16.27 -27.46 0.11
N ALA E 301 -15.31 -27.88 0.93
CA ALA E 301 -13.95 -28.25 0.55
C ALA E 301 -13.77 -29.76 0.75
N ASP E 302 -13.15 -30.41 -0.22
CA ASP E 302 -12.93 -31.85 -0.18
C ASP E 302 -11.55 -32.10 -0.79
N GLU E 303 -11.21 -33.37 -1.01
CA GLU E 303 -9.88 -33.70 -1.51
C GLU E 303 -9.62 -33.08 -2.88
N ARG E 304 -10.66 -32.91 -3.69
CA ARG E 304 -10.47 -32.41 -5.04
C ARG E 304 -10.35 -30.88 -5.09
N GLY E 305 -11.04 -30.16 -4.21
CA GLY E 305 -11.11 -28.72 -4.36
C GLY E 305 -12.20 -28.10 -3.50
N THR E 306 -12.75 -27.00 -4.00
CA THR E 306 -13.67 -26.21 -3.20
C THR E 306 -14.80 -25.75 -4.07
N THR E 307 -16.01 -25.79 -3.51
CA THR E 307 -17.19 -25.21 -4.15
C THR E 307 -17.77 -24.18 -3.21
N ALA E 308 -17.91 -22.96 -3.71
CA ALA E 308 -18.30 -21.81 -2.91
C ALA E 308 -19.39 -21.06 -3.64
N SER E 309 -20.35 -20.54 -2.87
CA SER E 309 -21.52 -19.89 -3.44
C SER E 309 -22.02 -18.87 -2.44
N SER E 310 -22.49 -17.73 -2.92
CA SER E 310 -23.06 -16.73 -2.02
C SER E 310 -24.01 -15.83 -2.77
N ASP E 311 -25.14 -15.49 -2.13
CA ASP E 311 -26.13 -14.57 -2.69
C ASP E 311 -26.46 -13.52 -1.65
N THR E 312 -26.31 -12.26 -2.02
CA THR E 312 -26.71 -11.18 -1.12
C THR E 312 -27.98 -10.57 -1.71
N ALA E 313 -29.02 -10.49 -0.89
CA ALA E 313 -30.29 -9.95 -1.33
C ALA E 313 -30.55 -8.71 -0.50
N ILE E 314 -30.59 -7.57 -1.15
CA ILE E 314 -30.88 -6.29 -0.52
C ILE E 314 -32.29 -5.87 -0.89
N THR E 315 -33.11 -5.60 0.14
CA THR E 315 -34.58 -5.38 0.08
C THR E 315 -35.18 -5.60 -1.26
N ALA F 6 10.85 -34.44 12.14
CA ALA F 6 9.84 -33.39 12.06
C ALA F 6 9.94 -32.61 10.77
N LEU F 7 8.77 -32.39 10.17
CA LEU F 7 8.54 -31.59 9.00
C LEU F 7 7.55 -30.51 9.38
N THR F 8 7.44 -29.46 8.58
CA THR F 8 6.48 -28.40 8.90
C THR F 8 5.07 -28.93 8.75
N ALA F 9 4.31 -28.95 9.84
CA ALA F 9 3.00 -29.58 9.91
C ALA F 9 1.94 -28.55 10.28
N ILE F 10 0.93 -28.40 9.42
CA ILE F 10 -0.24 -27.58 9.72
C ILE F 10 -1.41 -28.53 9.95
N VAL F 11 -1.95 -28.52 11.17
CA VAL F 11 -2.99 -29.46 11.58
C VAL F 11 -4.20 -28.66 12.04
N ALA F 12 -5.29 -28.73 11.27
CA ALA F 12 -6.52 -27.98 11.53
C ALA F 12 -7.53 -28.83 12.29
N ASN F 13 -7.17 -29.20 13.52
CA ASN F 13 -8.04 -29.98 14.39
C ASN F 13 -8.51 -29.14 15.59
N LYS F 14 -8.58 -27.85 15.40
CA LYS F 14 -9.14 -26.91 16.35
C LYS F 14 -9.79 -25.83 15.60
N PRO F 15 -10.64 -24.98 16.17
CA PRO F 15 -11.37 -23.96 15.42
C PRO F 15 -10.41 -23.17 14.54
N PHE F 16 -10.77 -23.01 13.27
CA PHE F 16 -9.88 -22.35 12.34
C PHE F 16 -10.66 -21.45 11.37
N MET F 17 -9.91 -20.66 10.62
CA MET F 17 -10.43 -19.70 9.67
C MET F 17 -9.85 -20.01 8.29
N PHE F 18 -10.66 -19.85 7.26
CA PHE F 18 -10.18 -19.92 5.89
C PHE F 18 -10.68 -18.70 5.16
N LEU F 19 -9.92 -18.31 4.13
CA LEU F 19 -10.22 -17.17 3.30
C LEU F 19 -9.92 -17.58 1.86
N ILE F 20 -10.89 -17.42 0.99
CA ILE F 20 -10.68 -17.68 -0.41
C ILE F 20 -10.52 -16.33 -1.07
N TYR F 21 -9.34 -16.07 -1.64
CA TYR F 21 -9.06 -14.73 -2.11
C TYR F 21 -8.53 -14.75 -3.55
N HIS F 22 -8.71 -13.60 -4.21
CA HIS F 22 -8.27 -13.39 -5.57
C HIS F 22 -6.89 -12.74 -5.51
N LYS F 23 -5.89 -13.46 -6.03
CA LYS F 23 -4.50 -13.06 -5.81
C LYS F 23 -4.13 -11.73 -6.48
N PRO F 24 -4.38 -11.51 -7.77
CA PRO F 24 -3.97 -10.24 -8.39
C PRO F 24 -4.36 -8.98 -7.64
N THR F 25 -5.57 -8.94 -7.10
CA THR F 25 -6.14 -7.74 -6.50
C THR F 25 -6.34 -7.85 -5.00
N THR F 26 -5.92 -8.95 -4.38
CA THR F 26 -6.10 -9.23 -2.95
C THR F 26 -7.54 -8.93 -2.49
N THR F 27 -8.46 -9.63 -3.14
CA THR F 27 -9.90 -9.50 -2.93
C THR F 27 -10.39 -10.76 -2.24
N VAL F 28 -10.97 -10.62 -1.06
CA VAL F 28 -11.48 -11.75 -0.30
C VAL F 28 -12.85 -12.09 -0.88
N LEU F 29 -12.94 -13.23 -1.58
CA LEU F 29 -14.18 -13.65 -2.21
C LEU F 29 -15.09 -14.35 -1.20
N PHE F 30 -14.53 -15.25 -0.40
CA PHE F 30 -15.25 -15.95 0.64
C PHE F 30 -14.36 -16.15 1.86
N MET F 31 -14.98 -16.23 3.03
CA MET F 31 -14.24 -16.57 4.23
C MET F 31 -15.14 -17.33 5.18
N GLY F 32 -14.53 -17.97 6.17
CA GLY F 32 -15.37 -18.58 7.18
C GLY F 32 -14.57 -19.06 8.37
N THR F 33 -15.31 -19.34 9.44
CA THR F 33 -14.76 -20.00 10.61
C THR F 33 -15.44 -21.35 10.79
N ILE F 34 -14.64 -22.34 11.17
CA ILE F 34 -15.10 -23.71 11.44
C ILE F 34 -14.71 -24.05 12.86
N THR F 35 -15.70 -24.09 13.76
CA THR F 35 -15.45 -24.32 15.17
C THR F 35 -15.95 -25.67 15.65
N LYS F 36 -16.53 -26.48 14.77
CA LYS F 36 -17.11 -27.72 15.24
C LYS F 36 -17.33 -28.68 14.09
N GLY F 37 -17.39 -29.97 14.44
CA GLY F 37 -17.87 -31.00 13.56
C GLY F 37 -19.33 -31.32 13.88
N GLU F 38 -19.82 -32.39 13.27
CA GLU F 38 -21.20 -32.80 13.51
C GLU F 38 -21.33 -33.99 14.45
N LYS F 39 -20.46 -34.98 14.36
CA LYS F 39 -20.54 -36.17 15.21
C LYS F 39 -19.70 -35.98 16.46
N VAL F 40 -20.37 -35.94 17.64
CA VAL F 40 -19.68 -35.79 18.93
C VAL F 40 -19.12 -37.13 19.39
N ILE F 41 -17.94 -37.10 20.00
CA ILE F 41 -17.28 -38.29 20.53
C ILE F 41 -16.73 -37.96 21.91
N TYR F 42 -16.63 -39.00 22.74
CA TYR F 42 -16.15 -38.90 24.11
C TYR F 42 -14.88 -39.72 24.24
N ASP F 43 -14.10 -39.39 25.27
CA ASP F 43 -12.76 -39.94 25.41
C ASP F 43 -12.55 -40.41 26.84
N THR F 44 -11.62 -41.34 27.02
CA THR F 44 -11.44 -42.00 28.30
C THR F 44 -10.87 -41.03 29.34
N GLU F 45 -11.53 -40.97 30.51
CA GLU F 45 -11.20 -40.04 31.59
C GLU F 45 -10.95 -38.60 31.11
C1 NAG G . 13.93 22.20 -21.97
C2 NAG G . 14.63 20.91 -22.39
C3 NAG G . 15.20 21.01 -23.80
C4 NAG G . 14.12 21.51 -24.75
C5 NAG G . 13.53 22.82 -24.24
C6 NAG G . 12.45 23.33 -25.18
C7 NAG G . 16.62 19.69 -21.71
C8 NAG G . 17.96 19.95 -21.06
N2 NAG G . 15.68 20.59 -21.43
O3 NAG G . 15.65 19.73 -24.23
O4 NAG G . 14.71 21.73 -26.05
O5 NAG G . 12.97 22.61 -22.94
O6 NAG G . 12.97 23.41 -26.51
O7 NAG G . 16.42 18.73 -22.43
C1 NAG G . 15.74 22.70 -26.03
C2 NAG G . 17.10 22.00 -26.19
C3 NAG G . 17.78 22.14 -27.57
C4 NAG G . 16.97 22.93 -28.59
C5 NAG G . 16.43 24.18 -27.90
C6 NAG G . 15.77 25.11 -28.93
C7 NAG G . 18.13 23.74 -24.83
C8 NAG G . 18.60 24.64 -25.92
N2 NAG G . 18.01 22.45 -25.15
O3 NAG G . 18.04 20.83 -28.08
O4 NAG G . 17.81 23.30 -29.68
O5 NAG G . 15.47 23.82 -26.91
O6 NAG G . 16.70 25.38 -29.98
O7 NAG G . 17.87 24.14 -23.71
C1 NAG H . -24.65 -19.18 17.58
C2 NAG H . -25.94 -18.50 18.02
C3 NAG H . -26.69 -19.34 19.05
C4 NAG H . -26.88 -20.75 18.52
C5 NAG H . -25.53 -21.34 18.13
C6 NAG H . -25.70 -22.76 17.58
C7 NAG H . -25.44 -16.14 17.80
C8 NAG H . -25.25 -14.83 18.51
N2 NAG H . -25.64 -17.19 18.58
O3 NAG H . -27.97 -18.75 19.30
O4 NAG H . -27.48 -21.57 19.54
O5 NAG H . -24.91 -20.52 17.14
O6 NAG H . -24.41 -23.34 17.36
O7 NAG H . -25.42 -16.22 16.58
C1 NAG H . -28.65 -22.20 18.99
C2 NAG H . -29.89 -21.74 19.76
C3 NAG H . -29.95 -22.36 21.14
C4 NAG H . -29.76 -23.87 21.05
C5 NAG H . -28.49 -24.19 20.28
C6 NAG H . -28.30 -25.70 20.17
C7 NAG H . -30.68 -19.64 20.70
C8 NAG H . -31.62 -18.65 20.08
N2 NAG H . -29.90 -20.29 19.84
O3 NAG H . -31.20 -22.08 21.76
O4 NAG H . -29.68 -24.42 22.37
O5 NAG H . -28.54 -23.62 18.97
O6 NAG H . -27.02 -25.98 19.57
O7 NAG H . -30.64 -19.84 21.90
C1 NAG I . 33.48 10.08 13.40
C2 NAG I . 33.54 11.63 13.42
C3 NAG I . 34.92 12.13 13.88
C4 NAG I . 35.35 11.47 15.18
C5 NAG I . 35.33 9.96 14.99
C6 NAG I . 35.71 9.21 16.24
C7 NAG I . 32.30 13.08 11.87
C8 NAG I . 32.13 13.51 10.45
N2 NAG I . 33.24 12.16 12.09
O3 NAG I . 34.90 13.54 14.04
O4 NAG I . 36.65 11.91 15.56
O5 NAG I . 34.00 9.55 14.65
O6 NAG I . 35.13 7.92 16.27
O7 NAG I . 31.62 13.54 12.78
C13 P15 J . 1.81 -34.28 14.22
O6 P15 J . 1.50 -34.02 12.87
C12 P15 J . 0.34 -34.95 12.49
C11 P15 J . 0.51 -35.71 11.18
O5 P15 J . -0.17 -36.93 11.33
C10 P15 J . -0.25 -37.80 10.22
C9 P15 J . 1.16 -38.17 9.76
O4 P15 J . 1.08 -39.02 8.66
C8 P15 J . 1.94 -38.72 7.59
C7 P15 J . 1.10 -38.78 6.32
O3 P15 J . 1.64 -37.93 5.34
C6 P15 J . 0.79 -37.58 4.28
C5 P15 J . 0.27 -38.87 3.70
O2 P15 J . -0.04 -38.74 2.35
C4 P15 J . 0.09 -39.96 1.65
C3 P15 J . 1.36 -39.91 0.82
O1 P15 J . 1.57 -41.20 0.31
C2 P15 J . 2.07 -41.21 -0.99
C1 P15 J . 3.58 -40.98 -0.95
OXT P15 J . 4.00 -40.61 -2.24
#